data_4Z17
#
_entry.id   4Z17
#
_cell.length_a   146.279
_cell.length_b   146.279
_cell.length_c   101.777
_cell.angle_alpha   90.00
_cell.angle_beta   90.00
_cell.angle_gamma   90.00
#
_symmetry.space_group_name_H-M   'I 4'
#
loop_
_entity.id
_entity.type
_entity.pdbx_description
1 polymer Enolase
2 non-polymer 'MAGNESIUM ION'
3 non-polymer PHOSPHOENOLPYRUVATE
4 water water
#
_entity_poly.entity_id   1
_entity_poly.type   'polypeptide(L)'
_entity_poly.pdbx_seq_one_letter_code
;MSTLIEAIVAREVLDSRGNPTIEVDVRLESGDVGRAIVPSGASTGAHEALELRDGDKSRYNGKGVLKAVQAVNEDIAEAL
IGFDAADQIALDQELIALDGTPNKSKLGANAILGVSLAAAKAAAAAFGLPLYRYLGGVYAHVLPVPMMNIMNGGQHATNS
TDFQEFMIMPVGAESFREGLRWGAEIYHMLKKVIHDRGFSTTVGDEGGFAPSLPTNDAPLQLIMEAIEKAGYRPGEQIVI
ALDPATTEIFEDGKYHLKREGRSLSSAEMVDYWVDLVNRYPIISLEDGLAEDDWEGWALLRAKLGDRVQLVGDDFLVTNV
QRLQRAIEAKAANSILIKLNQIGSLTETLSAIQLAQRSGWTAVVSHRSGESEDVTIADLVVATNAGQIKTGAPARTDRIA
KYNQLLRIEEELGSAARYAGRSAFKV
;
_entity_poly.pdbx_strand_id   A,B
#
loop_
_chem_comp.id
_chem_comp.type
_chem_comp.name
_chem_comp.formula
MG non-polymer 'MAGNESIUM ION' 'Mg 2'
PEP non-polymer PHOSPHOENOLPYRUVATE 'C3 H5 O6 P'
#
# COMPACT_ATOMS: atom_id res chain seq x y z
N MET A 1 26.46 18.63 15.28
CA MET A 1 25.55 17.54 14.91
C MET A 1 25.97 16.90 13.60
N SER A 2 26.72 17.68 12.76
CA SER A 2 27.25 17.38 11.41
C SER A 2 26.04 17.22 10.48
N THR A 3 25.28 18.32 10.32
CA THR A 3 24.07 18.31 9.48
C THR A 3 24.32 18.81 8.05
N LEU A 4 25.59 19.00 7.69
CA LEU A 4 25.99 19.41 6.33
C LEU A 4 25.77 18.29 5.34
N ILE A 5 25.15 18.60 4.19
CA ILE A 5 24.83 17.68 3.09
C ILE A 5 26.10 17.13 2.41
N GLU A 6 26.20 15.82 2.34
CA GLU A 6 27.31 15.10 1.74
C GLU A 6 26.90 14.56 0.37
N ALA A 7 25.74 13.88 0.29
CA ALA A 7 25.23 13.31 -0.95
C ALA A 7 23.73 13.58 -1.14
N ILE A 8 23.29 13.70 -2.40
CA ILE A 8 21.89 13.81 -2.83
C ILE A 8 21.75 12.90 -4.02
N VAL A 9 21.08 11.77 -3.84
CA VAL A 9 20.85 10.75 -4.86
C VAL A 9 19.34 10.54 -5.06
N ALA A 10 18.90 10.34 -6.30
CA ALA A 10 17.50 10.14 -6.65
C ALA A 10 17.36 8.90 -7.50
N ARG A 11 16.21 8.22 -7.36
CA ARG A 11 15.92 7.07 -8.19
C ARG A 11 14.46 7.10 -8.59
N GLU A 12 14.16 6.38 -9.64
CA GLU A 12 12.81 6.22 -10.15
C GLU A 12 12.26 4.93 -9.56
N VAL A 13 11.19 5.08 -8.78
CA VAL A 13 10.43 4.00 -8.12
C VAL A 13 8.97 4.09 -8.66
N LEU A 14 8.06 3.24 -8.13
CA LEU A 14 6.66 3.25 -8.57
C LEU A 14 5.73 3.73 -7.47
N ASP A 15 4.63 4.40 -7.86
CA ASP A 15 3.60 4.84 -6.91
C ASP A 15 2.53 3.74 -6.69
N SER A 16 1.51 4.04 -5.88
CA SER A 16 0.43 3.12 -5.53
C SER A 16 -0.47 2.77 -6.72
N ARG A 17 -0.23 3.38 -7.89
CA ARG A 17 -1.01 3.12 -9.10
C ARG A 17 -0.14 2.38 -10.12
N GLY A 18 1.15 2.22 -9.78
CA GLY A 18 2.12 1.55 -10.63
C GLY A 18 2.75 2.47 -11.65
N ASN A 19 2.60 3.80 -11.47
CA ASN A 19 3.19 4.82 -12.33
C ASN A 19 4.53 5.23 -11.76
N PRO A 20 5.54 5.59 -12.59
CA PRO A 20 6.83 6.01 -12.02
C PRO A 20 6.73 7.25 -11.16
N THR A 21 7.58 7.35 -10.16
CA THR A 21 7.69 8.50 -9.26
C THR A 21 9.13 8.65 -8.76
N ILE A 22 9.43 9.80 -8.17
CA ILE A 22 10.79 10.05 -7.69
C ILE A 22 10.93 9.79 -6.18
N GLU A 23 12.01 9.07 -5.84
CA GLU A 23 12.45 8.83 -4.47
C GLU A 23 13.83 9.46 -4.35
N VAL A 24 13.97 10.34 -3.36
CA VAL A 24 15.21 11.10 -3.11
C VAL A 24 15.83 10.66 -1.77
N ASP A 25 17.17 10.54 -1.73
CA ASP A 25 17.96 10.25 -0.54
C ASP A 25 18.98 11.38 -0.34
N VAL A 26 18.90 12.07 0.82
CA VAL A 26 19.85 13.12 1.25
C VAL A 26 20.74 12.48 2.36
N ARG A 27 22.06 12.38 2.09
CA ARG A 27 23.05 11.83 3.02
C ARG A 27 23.81 12.99 3.68
N LEU A 28 23.87 12.99 5.03
CA LEU A 28 24.55 14.05 5.80
C LEU A 28 25.95 13.64 6.23
N GLU A 29 26.81 14.62 6.54
CA GLU A 29 28.18 14.36 7.03
C GLU A 29 28.15 13.43 8.22
N SER A 30 27.13 13.58 9.08
CA SER A 30 26.84 12.75 10.25
C SER A 30 26.68 11.28 9.91
N GLY A 31 26.23 10.99 8.69
CA GLY A 31 26.00 9.63 8.23
C GLY A 31 24.52 9.32 8.08
N ASP A 32 23.66 10.20 8.64
CA ASP A 32 22.21 10.05 8.55
C ASP A 32 21.73 10.27 7.13
N VAL A 33 20.74 9.47 6.75
CA VAL A 33 20.14 9.48 5.42
C VAL A 33 18.62 9.64 5.57
N GLY A 34 18.10 10.67 4.92
CA GLY A 34 16.68 10.98 4.83
C GLY A 34 16.19 10.48 3.49
N ARG A 35 15.02 9.84 3.46
CA ARG A 35 14.45 9.30 2.23
C ARG A 35 13.01 9.75 2.05
N ALA A 36 12.67 10.15 0.83
CA ALA A 36 11.33 10.62 0.52
C ALA A 36 10.90 10.14 -0.84
N ILE A 37 9.62 9.75 -0.95
CA ILE A 37 8.97 9.31 -2.19
C ILE A 37 7.91 10.38 -2.41
N VAL A 38 7.83 10.92 -3.61
CA VAL A 38 6.90 12.02 -3.92
C VAL A 38 5.59 11.50 -4.54
N PRO A 39 4.38 11.99 -4.16
CA PRO A 39 3.15 11.47 -4.78
C PRO A 39 2.73 12.27 -6.03
N SER A 40 1.43 12.12 -6.46
CA SER A 40 0.72 12.76 -7.59
C SER A 40 -0.79 12.51 -7.65
N GLY A 41 -1.43 12.50 -8.76
CA GLY A 41 -2.85 12.18 -8.87
C GLY A 41 -4.00 13.13 -9.12
N ALA A 42 -4.88 12.77 -10.08
CA ALA A 42 -6.11 13.46 -10.53
C ALA A 42 -5.82 14.68 -11.43
N SER A 43 -6.86 15.30 -11.96
CA SER A 43 -6.83 16.46 -12.87
C SER A 43 -7.06 17.72 -11.99
N THR A 44 -5.96 18.44 -11.68
CA THR A 44 -5.96 19.67 -10.89
C THR A 44 -5.30 20.79 -11.71
N GLY A 45 -5.61 22.06 -11.39
CA GLY A 45 -5.08 23.21 -12.11
C GLY A 45 -4.93 24.49 -11.31
N ALA A 46 -5.55 25.59 -11.79
CA ALA A 46 -5.59 26.96 -11.25
C ALA A 46 -4.32 27.40 -10.45
N HIS A 47 -3.17 27.56 -11.16
CA HIS A 47 -1.86 27.98 -10.64
C HIS A 47 -1.33 27.01 -9.57
N GLU A 48 -0.60 25.98 -10.02
CA GLU A 48 0.01 24.93 -9.18
C GLU A 48 1.44 24.62 -9.62
N ALA A 49 2.20 23.95 -8.74
CA ALA A 49 3.56 23.52 -9.00
C ALA A 49 3.54 22.33 -9.96
N LEU A 50 4.28 22.46 -11.06
CA LEU A 50 4.35 21.45 -12.13
C LEU A 50 5.41 20.37 -11.90
N GLU A 51 4.99 19.09 -11.90
CA GLU A 51 5.90 17.93 -11.76
C GLU A 51 6.50 17.60 -13.12
N LEU A 52 7.71 17.05 -13.14
CA LEU A 52 8.45 16.77 -14.37
C LEU A 52 8.44 15.27 -14.81
N ARG A 53 7.55 14.93 -15.79
CA ARG A 53 7.47 13.60 -16.42
C ARG A 53 8.26 13.59 -17.77
N ASP A 54 8.80 12.42 -18.14
CA ASP A 54 9.71 12.29 -19.28
C ASP A 54 9.12 12.57 -20.66
N GLY A 55 7.94 12.05 -20.96
CA GLY A 55 7.33 12.21 -22.28
C GLY A 55 7.82 11.18 -23.30
N ASP A 56 8.58 10.15 -22.83
CA ASP A 56 9.12 9.07 -23.64
C ASP A 56 8.11 7.94 -23.67
N LYS A 57 7.27 7.93 -24.73
CA LYS A 57 6.19 6.96 -24.93
C LYS A 57 6.71 5.50 -25.00
N SER A 58 8.04 5.29 -25.18
CA SER A 58 8.66 3.95 -25.19
C SER A 58 9.00 3.41 -23.77
N ARG A 59 8.73 4.21 -22.71
CA ARG A 59 8.96 3.89 -21.30
C ARG A 59 7.80 4.40 -20.47
N TYR A 60 6.99 3.47 -19.93
CA TYR A 60 5.85 3.73 -19.04
C TYR A 60 4.77 4.64 -19.61
N ASN A 61 4.64 4.63 -20.96
CA ASN A 61 3.66 5.40 -21.74
C ASN A 61 3.87 6.92 -21.57
N GLY A 62 5.14 7.34 -21.48
CA GLY A 62 5.54 8.74 -21.33
C GLY A 62 5.58 9.28 -19.91
N LYS A 63 5.14 8.45 -18.95
CA LYS A 63 5.04 8.78 -17.53
C LYS A 63 6.38 8.58 -16.73
N GLY A 64 7.50 8.31 -17.42
CA GLY A 64 8.81 8.17 -16.80
C GLY A 64 9.19 9.41 -16.02
N VAL A 65 10.22 9.31 -15.14
CA VAL A 65 10.58 10.43 -14.24
C VAL A 65 12.13 10.73 -14.26
N LEU A 66 12.88 10.06 -15.16
CA LEU A 66 14.34 10.18 -15.32
C LEU A 66 14.88 11.60 -15.44
N LYS A 67 14.14 12.51 -16.08
CA LYS A 67 14.54 13.90 -16.23
C LYS A 67 14.61 14.57 -14.84
N ALA A 68 13.59 14.28 -13.97
CA ALA A 68 13.51 14.74 -12.58
C ALA A 68 14.64 14.13 -11.75
N VAL A 69 14.94 12.84 -11.97
CA VAL A 69 16.03 12.10 -11.32
C VAL A 69 17.36 12.80 -11.67
N GLN A 70 17.55 13.17 -12.94
CA GLN A 70 18.75 13.87 -13.40
C GLN A 70 18.95 15.20 -12.68
N ALA A 71 17.90 16.03 -12.60
CA ALA A 71 17.87 17.33 -11.92
C ALA A 71 18.36 17.25 -10.48
N VAL A 72 18.09 16.10 -9.82
CA VAL A 72 18.50 15.84 -8.43
C VAL A 72 19.94 15.32 -8.38
N ASN A 73 20.30 14.30 -9.19
CA ASN A 73 21.65 13.73 -9.24
C ASN A 73 22.71 14.71 -9.77
N GLU A 74 22.28 15.74 -10.52
CA GLU A 74 23.20 16.73 -11.09
C GLU A 74 22.99 18.14 -10.53
N ASP A 75 22.07 18.89 -11.12
CA ASP A 75 21.75 20.28 -10.79
C ASP A 75 21.62 20.57 -9.31
N ILE A 76 20.68 19.90 -8.60
CA ILE A 76 20.40 20.11 -7.18
C ILE A 76 21.60 19.66 -6.30
N ALA A 77 22.10 18.40 -6.49
CA ALA A 77 23.26 17.86 -5.76
C ALA A 77 24.49 18.80 -5.80
N GLU A 78 24.80 19.37 -6.97
CA GLU A 78 25.92 20.27 -7.18
C GLU A 78 25.73 21.52 -6.35
N ALA A 79 24.52 22.06 -6.39
CA ALA A 79 24.18 23.26 -5.66
C ALA A 79 24.08 23.10 -4.14
N LEU A 80 23.75 21.89 -3.65
CA LEU A 80 23.48 21.72 -2.22
C LEU A 80 24.47 20.92 -1.46
N ILE A 81 25.45 20.27 -2.12
CA ILE A 81 26.44 19.53 -1.36
C ILE A 81 27.27 20.57 -0.57
N GLY A 82 27.30 20.38 0.75
CA GLY A 82 27.95 21.29 1.68
C GLY A 82 26.99 22.22 2.38
N PHE A 83 25.70 22.21 1.97
CA PHE A 83 24.66 23.04 2.56
C PHE A 83 24.22 22.40 3.88
N ASP A 84 23.78 23.20 4.84
CA ASP A 84 23.26 22.72 6.12
C ASP A 84 21.79 22.34 5.95
N ALA A 85 21.48 21.03 6.04
CA ALA A 85 20.14 20.48 5.93
C ALA A 85 19.20 20.90 7.08
N ALA A 86 19.79 21.20 8.28
CA ALA A 86 19.05 21.70 9.45
C ALA A 86 18.38 23.08 9.17
N ASP A 87 18.80 23.79 8.10
CA ASP A 87 18.20 25.05 7.66
C ASP A 87 17.21 24.80 6.53
N GLN A 88 16.00 24.33 6.92
CA GLN A 88 14.92 24.02 6.00
C GLN A 88 14.56 25.21 5.12
N ILE A 89 14.28 26.36 5.72
CA ILE A 89 13.86 27.56 4.98
C ILE A 89 14.91 27.98 3.94
N ALA A 90 16.14 28.23 4.38
CA ALA A 90 17.28 28.58 3.54
C ALA A 90 17.45 27.57 2.36
N LEU A 91 17.32 26.24 2.61
CA LEU A 91 17.42 25.16 1.61
C LEU A 91 16.30 25.25 0.58
N ASP A 92 15.05 25.42 1.06
CA ASP A 92 13.89 25.52 0.19
C ASP A 92 13.97 26.77 -0.62
N GLN A 93 14.50 27.87 -0.05
CA GLN A 93 14.62 29.11 -0.81
C GLN A 93 15.84 29.01 -1.76
N GLU A 94 16.73 28.06 -1.53
CA GLU A 94 17.84 27.76 -2.43
C GLU A 94 17.32 26.88 -3.59
N LEU A 95 16.41 25.92 -3.28
CA LEU A 95 15.82 25.07 -4.30
C LEU A 95 14.97 25.88 -5.27
N ILE A 96 14.15 26.81 -4.75
CA ILE A 96 13.28 27.72 -5.54
C ILE A 96 14.13 28.63 -6.44
N ALA A 97 15.19 29.20 -5.88
CA ALA A 97 16.15 30.05 -6.61
C ALA A 97 16.84 29.28 -7.74
N LEU A 98 17.33 28.07 -7.48
CA LEU A 98 17.95 27.24 -8.50
C LEU A 98 17.00 26.95 -9.68
N ASP A 99 15.70 26.75 -9.41
CA ASP A 99 14.71 26.47 -10.44
C ASP A 99 14.45 27.68 -11.35
N GLY A 100 14.28 28.85 -10.74
CA GLY A 100 14.03 30.11 -11.44
C GLY A 100 12.61 30.34 -11.91
N THR A 101 11.86 29.27 -12.14
CA THR A 101 10.47 29.38 -12.62
C THR A 101 9.50 29.51 -11.44
N PRO A 102 8.36 30.22 -11.57
CA PRO A 102 7.44 30.35 -10.42
C PRO A 102 6.59 29.11 -10.12
N ASN A 103 6.53 28.14 -11.05
CA ASN A 103 5.74 26.92 -10.92
C ASN A 103 6.60 25.65 -10.80
N LYS A 104 7.92 25.84 -10.58
CA LYS A 104 8.94 24.78 -10.42
C LYS A 104 9.04 23.88 -11.66
N SER A 105 8.76 24.46 -12.84
CA SER A 105 8.77 23.77 -14.13
C SER A 105 10.17 23.38 -14.66
N LYS A 106 11.25 24.13 -14.33
CA LYS A 106 12.60 23.78 -14.82
C LYS A 106 13.19 22.49 -14.18
N LEU A 107 13.04 22.35 -12.85
CA LEU A 107 13.55 21.20 -12.11
C LEU A 107 12.47 20.18 -11.79
N GLY A 108 11.23 20.63 -11.63
CA GLY A 108 10.09 19.79 -11.32
C GLY A 108 9.70 19.91 -9.86
N ALA A 109 8.39 20.08 -9.57
CA ALA A 109 7.91 20.15 -8.18
C ALA A 109 8.28 18.87 -7.41
N ASN A 110 8.30 17.71 -8.14
CA ASN A 110 8.63 16.37 -7.66
C ASN A 110 10.12 16.26 -7.23
N ALA A 111 11.05 16.88 -8.00
CA ALA A 111 12.48 16.90 -7.65
C ALA A 111 12.69 17.84 -6.47
N ILE A 112 12.04 19.00 -6.48
CA ILE A 112 12.17 20.00 -5.40
C ILE A 112 11.59 19.46 -4.09
N LEU A 113 10.36 18.89 -4.10
CA LEU A 113 9.73 18.33 -2.90
C LEU A 113 10.50 17.14 -2.34
N GLY A 114 11.02 16.29 -3.22
CA GLY A 114 11.80 15.12 -2.84
C GLY A 114 12.98 15.49 -2.00
N VAL A 115 13.77 16.47 -2.48
CA VAL A 115 14.96 17.03 -1.79
C VAL A 115 14.52 17.83 -0.55
N SER A 116 13.45 18.65 -0.67
CA SER A 116 12.88 19.44 0.44
C SER A 116 12.55 18.52 1.63
N LEU A 117 11.87 17.37 1.35
CA LEU A 117 11.45 16.39 2.35
C LEU A 117 12.57 15.50 2.87
N ALA A 118 13.39 14.94 1.99
CA ALA A 118 14.52 14.09 2.40
C ALA A 118 15.50 14.89 3.30
N ALA A 119 15.75 16.16 2.99
CA ALA A 119 16.63 17.04 3.76
C ALA A 119 16.18 17.09 5.23
N ALA A 120 14.90 17.37 5.47
CA ALA A 120 14.27 17.43 6.80
C ALA A 120 14.41 16.08 7.54
N LYS A 121 14.13 14.98 6.85
CA LYS A 121 14.22 13.64 7.41
C LYS A 121 15.63 13.31 7.85
N ALA A 122 16.62 13.61 6.99
CA ALA A 122 18.04 13.42 7.24
C ALA A 122 18.44 14.16 8.51
N ALA A 123 18.04 15.46 8.63
CA ALA A 123 18.29 16.33 9.79
C ALA A 123 17.62 15.80 11.07
N ALA A 124 16.33 15.36 10.99
CA ALA A 124 15.59 14.83 12.16
C ALA A 124 16.35 13.66 12.78
N ALA A 125 16.82 12.73 11.93
CA ALA A 125 17.61 11.58 12.29
C ALA A 125 18.98 12.03 12.88
N ALA A 126 19.54 13.16 12.39
CA ALA A 126 20.80 13.67 12.91
C ALA A 126 20.64 14.18 14.34
N PHE A 127 19.56 14.94 14.62
CA PHE A 127 19.25 15.43 15.98
C PHE A 127 18.70 14.31 16.87
N GLY A 128 18.31 13.19 16.29
CA GLY A 128 17.72 12.08 17.02
C GLY A 128 16.31 12.41 17.46
N LEU A 129 15.62 13.27 16.70
CA LEU A 129 14.25 13.68 16.98
C LEU A 129 13.23 12.98 16.06
N PRO A 130 12.01 12.69 16.57
CA PRO A 130 10.96 12.16 15.66
C PRO A 130 10.56 13.30 14.69
N LEU A 131 10.21 12.95 13.44
CA LEU A 131 9.93 13.95 12.40
C LEU A 131 8.86 15.03 12.79
N TYR A 132 7.80 14.65 13.49
CA TYR A 132 6.77 15.61 13.92
C TYR A 132 7.35 16.65 14.91
N ARG A 133 8.35 16.21 15.76
CA ARG A 133 9.03 17.07 16.75
C ARG A 133 10.01 17.99 16.09
N TYR A 134 10.79 17.44 15.14
CA TYR A 134 11.74 18.21 14.35
C TYR A 134 11.00 19.29 13.58
N LEU A 135 9.86 18.93 12.96
CA LEU A 135 9.13 19.89 12.17
C LEU A 135 8.38 20.93 12.99
N GLY A 136 7.63 20.51 14.00
CA GLY A 136 6.76 21.43 14.73
C GLY A 136 7.16 21.86 16.12
N GLY A 137 8.26 21.31 16.61
CA GLY A 137 8.75 21.68 17.92
C GLY A 137 8.09 20.97 19.07
N VAL A 138 8.33 21.52 20.23
CA VAL A 138 7.98 21.01 21.54
C VAL A 138 6.44 20.90 21.82
N TYR A 139 5.59 21.63 21.07
CA TYR A 139 4.12 21.63 21.28
C TYR A 139 3.37 20.85 20.16
N ALA A 140 4.11 20.03 19.37
CA ALA A 140 3.55 19.15 18.33
C ALA A 140 3.01 17.90 19.05
N HIS A 141 1.67 17.76 19.20
CA HIS A 141 1.08 16.61 19.95
C HIS A 141 -0.38 16.26 19.59
N VAL A 142 -0.97 16.96 18.61
CA VAL A 142 -2.38 16.78 18.27
C VAL A 142 -2.56 15.75 17.14
N LEU A 143 -3.23 14.65 17.52
CA LEU A 143 -3.56 13.57 16.60
C LEU A 143 -4.84 13.88 15.88
N PRO A 144 -4.81 13.83 14.54
CA PRO A 144 -5.98 14.30 13.78
C PRO A 144 -7.19 13.40 13.80
N VAL A 145 -8.36 13.98 13.51
CA VAL A 145 -9.55 13.18 13.31
C VAL A 145 -9.42 12.88 11.81
N PRO A 146 -9.38 11.58 11.40
CA PRO A 146 -9.30 11.29 9.96
C PRO A 146 -10.66 11.37 9.24
N MET A 147 -10.63 11.88 7.99
CA MET A 147 -11.78 11.89 7.07
C MET A 147 -11.56 10.58 6.32
N MET A 148 -12.26 9.51 6.72
CA MET A 148 -12.06 8.19 6.10
C MET A 148 -13.00 7.93 4.92
N ASN A 149 -12.41 7.71 3.74
CA ASN A 149 -13.14 7.45 2.50
C ASN A 149 -13.69 6.04 2.46
N ILE A 150 -14.96 5.88 2.80
CA ILE A 150 -15.59 4.55 2.83
C ILE A 150 -16.49 4.28 1.59
N MET A 151 -16.93 5.35 0.88
CA MET A 151 -17.81 5.25 -0.30
C MET A 151 -17.41 6.21 -1.44
N ASN A 152 -17.43 5.70 -2.71
CA ASN A 152 -17.04 6.44 -3.91
C ASN A 152 -18.18 6.65 -4.95
N GLY A 153 -17.97 7.62 -5.84
CA GLY A 153 -18.89 7.98 -6.92
C GLY A 153 -18.16 8.74 -8.02
N GLY A 154 -18.82 9.79 -8.53
CA GLY A 154 -18.29 10.67 -9.57
C GLY A 154 -18.01 9.94 -10.87
N GLN A 155 -16.78 10.06 -11.38
CA GLN A 155 -16.34 9.41 -12.61
C GLN A 155 -15.06 8.61 -12.35
N HIS A 156 -14.93 7.43 -12.97
CA HIS A 156 -13.78 6.54 -12.81
C HIS A 156 -12.52 7.09 -13.48
N ASN A 159 -22.09 2.82 -12.12
CA ASN A 159 -22.86 3.54 -13.12
C ASN A 159 -22.92 5.04 -12.84
N SER A 160 -22.59 5.45 -11.59
CA SER A 160 -22.59 6.83 -11.07
C SER A 160 -24.00 7.45 -10.87
N THR A 161 -24.25 8.36 -9.88
CA THR A 161 -23.45 9.04 -8.81
C THR A 161 -23.18 10.34 -9.51
N ASP A 162 -23.20 11.43 -8.85
CA ASP A 162 -22.99 12.78 -9.42
C ASP A 162 -21.80 13.19 -8.57
N PHE A 163 -21.91 13.00 -7.23
CA PHE A 163 -20.90 13.33 -6.22
C PHE A 163 -19.82 12.25 -6.16
N GLN A 164 -18.57 12.65 -5.83
CA GLN A 164 -17.41 11.77 -5.86
C GLN A 164 -17.09 11.04 -4.55
N GLU A 165 -16.77 11.76 -3.46
CA GLU A 165 -16.37 11.12 -2.20
C GLU A 165 -17.34 11.35 -1.06
N PHE A 166 -17.58 10.28 -0.29
CA PHE A 166 -18.41 10.20 0.90
C PHE A 166 -17.52 9.59 1.99
N MET A 167 -17.19 10.38 3.03
CA MET A 167 -16.27 9.98 4.09
C MET A 167 -16.87 10.09 5.47
N ILE A 168 -16.37 9.28 6.41
CA ILE A 168 -16.80 9.30 7.81
C ILE A 168 -15.70 9.86 8.71
N MET A 169 -16.10 10.52 9.82
CA MET A 169 -15.18 11.14 10.77
C MET A 169 -15.45 10.74 12.22
N PRO A 170 -14.49 10.01 12.84
CA PRO A 170 -14.67 9.55 14.24
C PRO A 170 -14.47 10.61 15.33
N VAL A 171 -15.19 11.75 15.24
CA VAL A 171 -15.12 12.89 16.17
C VAL A 171 -15.22 12.54 17.68
N GLY A 172 -16.13 11.67 18.04
CA GLY A 172 -16.39 11.34 19.43
C GLY A 172 -15.40 10.43 20.09
N ALA A 173 -14.44 9.85 19.33
CA ALA A 173 -13.44 8.94 19.91
C ALA A 173 -12.50 9.66 20.89
N GLU A 174 -11.92 8.91 21.83
CA GLU A 174 -11.05 9.44 22.87
C GLU A 174 -9.58 9.51 22.40
N SER A 175 -9.19 8.65 21.44
CA SER A 175 -7.84 8.59 20.91
C SER A 175 -7.92 8.33 19.41
N PHE A 176 -6.77 8.46 18.71
CA PHE A 176 -6.67 8.14 17.28
C PHE A 176 -6.87 6.61 17.13
N ARG A 177 -6.26 5.81 18.02
CA ARG A 177 -6.37 4.36 18.07
C ARG A 177 -7.84 3.91 18.04
N GLU A 178 -8.69 4.44 18.96
CA GLU A 178 -10.10 4.06 19.02
C GLU A 178 -10.88 4.59 17.81
N GLY A 179 -10.59 5.82 17.40
CA GLY A 179 -11.20 6.42 16.21
C GLY A 179 -10.94 5.64 14.94
N LEU A 180 -9.69 5.12 14.77
CA LEU A 180 -9.35 4.29 13.62
C LEU A 180 -10.11 2.95 13.68
N ARG A 181 -10.33 2.40 14.90
CA ARG A 181 -11.07 1.15 15.06
C ARG A 181 -12.53 1.34 14.62
N TRP A 182 -13.19 2.41 15.11
CA TRP A 182 -14.55 2.79 14.79
C TRP A 182 -14.74 2.81 13.32
N GLY A 183 -13.91 3.59 12.61
CA GLY A 183 -13.93 3.72 11.16
C GLY A 183 -13.72 2.39 10.45
N ALA A 184 -12.73 1.61 10.90
CA ALA A 184 -12.44 0.29 10.31
C ALA A 184 -13.69 -0.60 10.40
N GLU A 185 -14.29 -0.69 11.62
CA GLU A 185 -15.49 -1.46 11.95
C GLU A 185 -16.69 -1.07 11.09
N ILE A 186 -16.91 0.24 10.83
CA ILE A 186 -18.04 0.80 10.04
C ILE A 186 -17.86 0.50 8.55
N TYR A 187 -16.59 0.56 8.07
CA TYR A 187 -16.19 0.31 6.69
C TYR A 187 -16.42 -1.14 6.35
N HIS A 188 -16.16 -2.05 7.32
CA HIS A 188 -16.40 -3.49 7.22
C HIS A 188 -17.92 -3.80 7.28
N MET A 189 -18.70 -3.03 8.06
CA MET A 189 -20.15 -3.16 8.19
C MET A 189 -20.79 -2.71 6.89
N LEU A 190 -20.21 -1.68 6.23
CA LEU A 190 -20.68 -1.19 4.94
C LEU A 190 -20.38 -2.24 3.85
N LYS A 191 -19.27 -3.00 4.00
CA LYS A 191 -18.87 -4.08 3.10
C LYS A 191 -19.91 -5.21 3.21
N LYS A 192 -20.44 -5.46 4.43
CA LYS A 192 -21.49 -6.45 4.70
C LYS A 192 -22.79 -5.94 4.08
N VAL A 193 -23.21 -4.70 4.45
CA VAL A 193 -24.45 -4.05 3.98
C VAL A 193 -24.52 -4.01 2.43
N ILE A 194 -23.46 -3.52 1.74
CA ILE A 194 -23.37 -3.43 0.27
C ILE A 194 -23.82 -4.77 -0.40
N HIS A 195 -23.11 -5.89 -0.13
CA HIS A 195 -23.42 -7.24 -0.64
C HIS A 195 -24.83 -7.70 -0.23
N ASP A 196 -25.24 -7.43 1.03
CA ASP A 196 -26.55 -7.80 1.57
C ASP A 196 -27.70 -6.89 1.07
N ARG A 197 -27.45 -6.13 -0.02
CA ARG A 197 -28.42 -5.25 -0.67
C ARG A 197 -28.45 -5.50 -2.20
N GLY A 198 -27.53 -6.33 -2.67
CA GLY A 198 -27.42 -6.73 -4.07
C GLY A 198 -26.44 -5.90 -4.87
N PHE A 199 -25.16 -5.93 -4.45
CA PHE A 199 -24.06 -5.19 -5.09
C PHE A 199 -22.74 -5.98 -4.99
N SER A 200 -21.66 -5.41 -5.53
CA SER A 200 -20.31 -5.99 -5.50
C SER A 200 -19.40 -5.17 -4.58
N THR A 201 -18.31 -5.79 -4.10
CA THR A 201 -17.36 -5.16 -3.14
C THR A 201 -15.87 -5.51 -3.51
N THR A 202 -15.25 -4.51 -4.23
CA THR A 202 -13.82 -4.28 -4.48
C THR A 202 -13.57 -2.77 -4.26
N VAL A 203 -12.32 -2.46 -3.84
CA VAL A 203 -11.81 -1.11 -3.52
C VAL A 203 -11.57 -0.24 -4.79
N GLY A 204 -11.20 1.03 -4.57
CA GLY A 204 -10.89 1.99 -5.61
C GLY A 204 -9.40 2.33 -5.61
N ASP A 205 -9.08 3.64 -5.58
CA ASP A 205 -7.68 4.14 -5.55
C ASP A 205 -7.25 4.46 -4.12
N GLU A 206 -8.24 4.69 -3.22
CA GLU A 206 -8.07 4.97 -1.79
C GLU A 206 -8.53 3.73 -0.99
N GLY A 207 -9.65 3.14 -1.42
CA GLY A 207 -10.23 1.96 -0.80
C GLY A 207 -11.73 1.99 -0.65
N GLY A 208 -12.36 3.08 -1.07
CA GLY A 208 -13.81 3.23 -0.99
C GLY A 208 -14.56 2.31 -1.93
N PHE A 209 -15.78 1.92 -1.55
CA PHE A 209 -16.62 1.06 -2.39
C PHE A 209 -17.34 1.92 -3.39
N ALA A 210 -17.33 1.52 -4.67
CA ALA A 210 -18.00 2.28 -5.73
C ALA A 210 -19.16 1.50 -6.36
N PRO A 211 -20.36 1.50 -5.73
CA PRO A 211 -21.49 0.76 -6.33
C PRO A 211 -22.24 1.58 -7.40
N SER A 212 -23.31 1.00 -7.97
CA SER A 212 -24.18 1.65 -8.95
C SER A 212 -25.50 1.90 -8.23
N LEU A 213 -25.72 3.16 -7.80
CA LEU A 213 -26.87 3.53 -6.97
C LEU A 213 -27.99 4.31 -7.70
N PRO A 214 -29.25 4.32 -7.15
CA PRO A 214 -30.35 5.00 -7.86
C PRO A 214 -30.55 6.49 -7.56
N THR A 215 -30.18 6.96 -6.34
CA THR A 215 -30.32 8.36 -5.91
C THR A 215 -29.02 8.87 -5.30
N ASN A 216 -28.87 10.21 -5.21
CA ASN A 216 -27.72 10.88 -4.60
C ASN A 216 -27.79 10.85 -3.06
N ASP A 217 -28.99 10.57 -2.48
CA ASP A 217 -29.23 10.45 -1.04
C ASP A 217 -28.94 9.02 -0.56
N ALA A 218 -29.01 8.04 -1.49
CA ALA A 218 -28.76 6.62 -1.23
C ALA A 218 -27.38 6.37 -0.58
N PRO A 219 -26.23 6.93 -1.08
CA PRO A 219 -24.95 6.67 -0.37
C PRO A 219 -24.95 7.18 1.06
N LEU A 220 -25.65 8.30 1.35
CA LEU A 220 -25.78 8.87 2.69
C LEU A 220 -26.66 8.01 3.56
N GLN A 221 -27.73 7.42 3.00
CA GLN A 221 -28.64 6.52 3.70
C GLN A 221 -27.91 5.23 4.11
N LEU A 222 -27.14 4.62 3.15
CA LEU A 222 -26.33 3.41 3.33
C LEU A 222 -25.28 3.63 4.44
N ILE A 223 -24.55 4.77 4.36
CA ILE A 223 -23.54 5.18 5.34
C ILE A 223 -24.17 5.28 6.73
N MET A 224 -25.35 5.95 6.82
CA MET A 224 -26.08 6.10 8.06
C MET A 224 -26.38 4.75 8.70
N GLU A 225 -26.76 3.75 7.87
CA GLU A 225 -27.10 2.39 8.28
C GLU A 225 -25.85 1.67 8.75
N ALA A 226 -24.74 1.79 8.00
CA ALA A 226 -23.46 1.20 8.37
C ALA A 226 -22.92 1.78 9.70
N ILE A 227 -23.16 3.09 9.98
CA ILE A 227 -22.73 3.74 11.24
C ILE A 227 -23.54 3.13 12.41
N GLU A 228 -24.86 2.96 12.21
CA GLU A 228 -25.79 2.43 13.21
C GLU A 228 -25.60 0.93 13.46
N LYS A 229 -25.66 0.11 12.41
CA LYS A 229 -25.49 -1.34 12.49
C LYS A 229 -24.09 -1.80 12.98
N ALA A 230 -23.15 -0.84 13.11
CA ALA A 230 -21.78 -1.10 13.57
C ALA A 230 -21.72 -0.85 15.08
N GLY A 231 -22.75 -0.15 15.58
CA GLY A 231 -22.92 0.23 16.97
C GLY A 231 -22.55 1.66 17.29
N TYR A 232 -22.51 2.55 16.28
CA TYR A 232 -22.09 3.92 16.54
C TYR A 232 -23.19 4.97 16.32
N ARG A 233 -23.21 5.99 17.19
CA ARG A 233 -24.20 7.05 17.17
C ARG A 233 -23.88 8.17 16.18
N PRO A 234 -24.65 8.34 15.07
CA PRO A 234 -24.42 9.49 14.16
C PRO A 234 -24.50 10.84 14.91
N GLY A 235 -23.67 11.79 14.49
CA GLY A 235 -23.57 13.09 15.14
C GLY A 235 -22.62 13.05 16.34
N GLU A 236 -23.08 12.48 17.46
CA GLU A 236 -22.30 12.42 18.70
C GLU A 236 -20.97 11.66 18.58
N GLN A 237 -20.99 10.52 17.89
CA GLN A 237 -19.79 9.70 17.69
C GLN A 237 -19.18 9.82 16.27
N ILE A 238 -20.00 9.66 15.22
CA ILE A 238 -19.55 9.69 13.81
C ILE A 238 -20.27 10.74 12.98
N VAL A 239 -19.51 11.53 12.22
CA VAL A 239 -20.05 12.58 11.34
C VAL A 239 -19.62 12.33 9.88
N ILE A 240 -20.29 13.00 8.96
CA ILE A 240 -20.00 12.82 7.55
C ILE A 240 -19.25 14.02 6.96
N ALA A 241 -18.31 13.71 6.08
CA ALA A 241 -17.53 14.68 5.32
C ALA A 241 -17.66 14.29 3.85
N LEU A 242 -18.02 15.26 3.02
CA LEU A 242 -18.25 15.02 1.61
C LEU A 242 -17.30 15.80 0.73
N ASP A 243 -16.91 15.18 -0.38
CA ASP A 243 -16.14 15.81 -1.43
C ASP A 243 -16.89 15.55 -2.74
N PRO A 244 -17.97 16.33 -3.02
CA PRO A 244 -18.70 16.13 -4.28
C PRO A 244 -17.86 16.41 -5.52
N ALA A 245 -16.82 17.29 -5.39
CA ALA A 245 -15.90 17.72 -6.46
C ALA A 245 -16.72 18.30 -7.63
N THR A 246 -17.66 19.20 -7.30
CA THR A 246 -18.62 19.85 -8.19
C THR A 246 -18.01 20.54 -9.41
N THR A 247 -16.71 20.89 -9.33
CA THR A 247 -15.99 21.51 -10.44
C THR A 247 -15.94 20.56 -11.67
N GLU A 248 -16.33 19.28 -11.46
CA GLU A 248 -16.43 18.20 -12.45
C GLU A 248 -17.74 18.28 -13.25
N ILE A 249 -18.83 18.68 -12.59
CA ILE A 249 -20.16 18.78 -13.21
C ILE A 249 -20.61 20.23 -13.43
N PHE A 250 -19.64 21.15 -13.57
CA PHE A 250 -19.93 22.58 -13.76
C PHE A 250 -20.38 22.97 -15.16
N GLU A 251 -19.55 22.65 -16.20
CA GLU A 251 -19.74 22.89 -17.64
C GLU A 251 -20.43 24.10 -18.33
N ASP A 252 -19.86 25.29 -18.21
CA ASP A 252 -20.28 26.58 -18.80
C ASP A 252 -21.46 27.11 -17.96
N GLY A 253 -21.24 27.18 -16.65
CA GLY A 253 -22.25 27.64 -15.69
C GLY A 253 -23.34 26.61 -15.46
N LYS A 254 -24.05 26.73 -14.31
CA LYS A 254 -25.15 25.83 -13.89
C LYS A 254 -24.29 24.70 -13.28
N TYR A 255 -24.93 23.69 -12.65
CA TYR A 255 -24.25 22.57 -11.99
C TYR A 255 -25.24 21.48 -12.43
N HIS A 256 -24.74 20.48 -13.18
CA HIS A 256 -25.57 19.41 -13.74
C HIS A 256 -25.61 18.12 -12.90
N LEU A 257 -26.79 17.90 -12.26
CA LEU A 257 -27.09 16.70 -11.45
C LEU A 257 -27.86 15.68 -12.31
N LYS A 258 -27.09 14.86 -13.06
CA LYS A 258 -27.61 13.85 -13.99
C LYS A 258 -28.55 12.82 -13.34
N ARG A 259 -28.16 12.26 -12.17
CA ARG A 259 -28.96 11.25 -11.45
C ARG A 259 -30.23 11.84 -10.80
N GLU A 260 -30.25 13.16 -10.55
CA GLU A 260 -31.40 13.85 -9.95
C GLU A 260 -32.20 14.67 -10.99
N GLY A 261 -31.73 14.66 -12.25
CA GLY A 261 -32.32 15.35 -13.39
C GLY A 261 -32.58 16.82 -13.17
N ARG A 262 -31.62 17.52 -12.54
CA ARG A 262 -31.68 18.94 -12.22
C ARG A 262 -30.47 19.71 -12.77
N SER A 263 -30.45 21.05 -12.58
CA SER A 263 -29.36 21.94 -12.99
C SER A 263 -29.19 23.13 -12.01
N LEU A 264 -29.74 24.32 -12.38
CA LEU A 264 -29.75 25.60 -11.66
C LEU A 264 -28.37 26.30 -11.57
N SER A 265 -28.30 27.37 -10.79
CA SER A 265 -27.13 28.21 -10.58
C SER A 265 -26.61 27.92 -9.18
N SER A 266 -25.46 28.53 -8.86
CA SER A 266 -24.75 28.49 -7.59
C SER A 266 -25.70 28.70 -6.41
N ALA A 267 -26.62 29.68 -6.50
CA ALA A 267 -27.61 30.01 -5.48
C ALA A 267 -28.49 28.82 -5.14
N GLU A 268 -28.91 28.05 -6.16
CA GLU A 268 -29.72 26.85 -5.96
C GLU A 268 -28.87 25.61 -5.68
N MET A 269 -27.56 25.67 -6.02
CA MET A 269 -26.60 24.60 -5.70
C MET A 269 -26.32 24.68 -4.19
N VAL A 270 -26.22 25.92 -3.65
CA VAL A 270 -26.04 26.23 -2.24
C VAL A 270 -27.27 25.72 -1.47
N ASP A 271 -28.48 26.00 -2.01
CA ASP A 271 -29.79 25.58 -1.49
C ASP A 271 -29.84 24.05 -1.32
N TYR A 272 -29.26 23.32 -2.29
CA TYR A 272 -29.16 21.85 -2.30
C TYR A 272 -28.34 21.36 -1.10
N TRP A 273 -27.16 22.00 -0.83
CA TRP A 273 -26.30 21.66 0.31
C TRP A 273 -26.97 21.93 1.63
N VAL A 274 -27.68 23.09 1.74
CA VAL A 274 -28.40 23.50 2.96
C VAL A 274 -29.45 22.43 3.33
N ASP A 275 -30.20 21.95 2.33
CA ASP A 275 -31.21 20.92 2.50
C ASP A 275 -30.59 19.60 3.01
N LEU A 276 -29.54 19.09 2.31
CA LEU A 276 -28.78 17.87 2.62
C LEU A 276 -28.12 17.92 4.02
N VAL A 277 -27.57 19.09 4.40
CA VAL A 277 -26.93 19.36 5.68
C VAL A 277 -27.97 19.28 6.83
N ASN A 278 -29.20 19.74 6.57
CA ASN A 278 -30.31 19.68 7.55
C ASN A 278 -30.79 18.25 7.81
N ARG A 279 -30.56 17.34 6.85
CA ARG A 279 -31.01 15.95 6.91
C ARG A 279 -29.94 14.96 7.45
N TYR A 280 -28.68 15.12 7.03
CA TYR A 280 -27.60 14.21 7.45
C TYR A 280 -26.58 14.88 8.38
N PRO A 281 -25.86 14.13 9.28
CA PRO A 281 -24.88 14.76 10.17
C PRO A 281 -23.56 15.13 9.47
N ILE A 282 -23.66 15.97 8.42
CA ILE A 282 -22.55 16.45 7.61
C ILE A 282 -21.91 17.65 8.31
N ILE A 283 -20.61 17.51 8.64
CA ILE A 283 -19.83 18.58 9.29
C ILE A 283 -18.90 19.25 8.29
N SER A 284 -18.59 18.57 7.17
CA SER A 284 -17.65 19.11 6.20
C SER A 284 -18.08 18.87 4.78
N LEU A 285 -17.84 19.86 3.91
CA LEU A 285 -18.14 19.82 2.48
C LEU A 285 -16.98 20.47 1.72
N GLU A 286 -16.35 19.71 0.83
CA GLU A 286 -15.17 20.12 0.05
C GLU A 286 -15.57 20.28 -1.40
N ASP A 287 -15.28 21.45 -1.99
CA ASP A 287 -15.63 21.81 -3.36
C ASP A 287 -17.12 21.57 -3.66
N GLY A 288 -17.98 22.20 -2.85
CA GLY A 288 -19.44 22.19 -2.98
C GLY A 288 -19.86 23.00 -4.19
N LEU A 289 -18.99 23.94 -4.60
CA LEU A 289 -19.10 24.79 -5.80
C LEU A 289 -17.78 24.68 -6.60
N ALA A 290 -17.77 25.12 -7.86
CA ALA A 290 -16.65 24.99 -8.79
C ALA A 290 -15.37 25.79 -8.43
N GLU A 291 -14.29 25.49 -9.20
CA GLU A 291 -12.93 26.02 -9.14
C GLU A 291 -12.84 27.53 -9.02
N ASP A 292 -13.60 28.23 -9.89
CA ASP A 292 -13.58 29.69 -9.99
C ASP A 292 -14.91 30.37 -9.74
N ASP A 293 -15.86 29.65 -9.11
CA ASP A 293 -17.15 30.25 -8.76
C ASP A 293 -16.99 31.00 -7.42
N TRP A 294 -16.09 32.01 -7.40
CA TRP A 294 -15.76 32.84 -6.23
C TRP A 294 -16.97 33.55 -5.60
N GLU A 295 -17.98 33.93 -6.42
CA GLU A 295 -19.19 34.61 -5.96
C GLU A 295 -20.05 33.59 -5.22
N GLY A 296 -20.17 32.39 -5.80
CA GLY A 296 -20.92 31.28 -5.24
C GLY A 296 -20.41 30.83 -3.88
N TRP A 297 -19.07 30.65 -3.79
CA TRP A 297 -18.34 30.24 -2.59
C TRP A 297 -18.70 31.14 -1.40
N ALA A 298 -18.61 32.48 -1.58
CA ALA A 298 -18.95 33.44 -0.52
C ALA A 298 -20.39 33.28 -0.08
N LEU A 299 -21.32 32.96 -1.01
CA LEU A 299 -22.73 32.74 -0.68
C LEU A 299 -22.92 31.46 0.14
N LEU A 300 -22.18 30.37 -0.22
CA LEU A 300 -22.19 29.11 0.52
C LEU A 300 -21.68 29.33 1.95
N ARG A 301 -20.60 30.16 2.10
CA ARG A 301 -19.99 30.53 3.39
C ARG A 301 -21.02 31.25 4.27
N ALA A 302 -21.76 32.21 3.68
CA ALA A 302 -22.77 32.98 4.40
C ALA A 302 -23.92 32.12 4.91
N LYS A 303 -24.40 31.18 4.07
CA LYS A 303 -25.50 30.28 4.39
C LYS A 303 -25.12 29.11 5.32
N LEU A 304 -23.91 28.53 5.16
CA LEU A 304 -23.51 27.35 5.95
C LEU A 304 -22.27 27.49 6.82
N GLY A 305 -21.40 28.46 6.52
CA GLY A 305 -20.16 28.70 7.24
C GLY A 305 -20.19 28.77 8.76
N ASP A 306 -21.37 28.89 9.36
CA ASP A 306 -21.56 28.97 10.81
C ASP A 306 -21.65 27.58 11.42
N ARG A 307 -21.99 26.56 10.59
CA ARG A 307 -22.20 25.18 11.05
C ARG A 307 -21.53 24.08 10.22
N VAL A 308 -20.97 24.41 9.03
CA VAL A 308 -20.34 23.44 8.13
C VAL A 308 -18.93 23.90 7.73
N GLN A 309 -17.94 22.98 7.79
CA GLN A 309 -16.57 23.23 7.36
C GLN A 309 -16.60 23.17 5.83
N LEU A 310 -16.20 24.27 5.19
CA LEU A 310 -16.19 24.40 3.74
C LEU A 310 -14.74 24.49 3.30
N VAL A 311 -14.27 23.37 2.72
CA VAL A 311 -12.91 23.08 2.33
C VAL A 311 -12.60 23.35 0.84
N GLY A 312 -11.66 24.28 0.62
CA GLY A 312 -11.16 24.61 -0.71
C GLY A 312 -10.09 23.61 -1.15
N ASP A 313 -10.39 22.83 -2.20
CA ASP A 313 -9.47 21.84 -2.80
C ASP A 313 -9.00 22.41 -4.15
N ASP A 314 -9.67 22.03 -5.28
CA ASP A 314 -9.36 22.54 -6.63
C ASP A 314 -9.55 24.06 -6.71
N PHE A 315 -10.44 24.59 -5.86
CA PHE A 315 -10.72 26.00 -5.71
C PHE A 315 -9.49 26.79 -5.20
N LEU A 316 -8.63 26.18 -4.35
CA LEU A 316 -7.51 26.89 -3.75
C LEU A 316 -6.15 26.38 -4.12
N VAL A 317 -6.05 25.11 -4.57
CA VAL A 317 -4.86 24.38 -5.07
C VAL A 317 -3.57 24.59 -4.21
N THR A 318 -3.69 24.61 -2.85
CA THR A 318 -2.59 24.84 -1.90
C THR A 318 -1.73 26.09 -2.34
N ASN A 319 -2.40 27.11 -2.93
CA ASN A 319 -1.82 28.34 -3.47
C ASN A 319 -1.97 29.48 -2.45
N VAL A 320 -0.83 30.06 -1.97
CA VAL A 320 -0.81 31.15 -0.96
C VAL A 320 -1.48 32.45 -1.45
N GLN A 321 -1.42 32.75 -2.76
CA GLN A 321 -2.07 33.93 -3.33
C GLN A 321 -3.60 33.75 -3.40
N ARG A 322 -4.06 32.53 -3.81
CA ARG A 322 -5.48 32.15 -3.91
C ARG A 322 -6.11 32.13 -2.51
N LEU A 323 -5.37 31.56 -1.53
CA LEU A 323 -5.75 31.46 -0.12
C LEU A 323 -5.90 32.84 0.49
N GLN A 324 -4.98 33.78 0.20
CA GLN A 324 -5.06 35.16 0.72
C GLN A 324 -6.33 35.88 0.22
N ARG A 325 -6.73 35.64 -1.05
CA ARG A 325 -7.94 36.17 -1.65
C ARG A 325 -9.16 35.55 -0.96
N ALA A 326 -9.25 34.20 -0.91
CA ALA A 326 -10.36 33.49 -0.26
C ALA A 326 -10.52 33.81 1.24
N ILE A 327 -9.39 34.13 1.95
CA ILE A 327 -9.41 34.53 3.36
C ILE A 327 -10.12 35.89 3.47
N GLU A 328 -9.72 36.86 2.62
CA GLU A 328 -10.25 38.23 2.52
C GLU A 328 -11.71 38.23 2.08
N ALA A 329 -11.99 37.54 0.96
CA ALA A 329 -13.32 37.42 0.36
C ALA A 329 -14.35 36.75 1.25
N LYS A 330 -13.89 35.98 2.26
CA LYS A 330 -14.70 35.13 3.14
C LYS A 330 -15.37 34.02 2.29
N ALA A 331 -14.60 33.45 1.35
CA ALA A 331 -15.03 32.43 0.37
C ALA A 331 -15.08 30.97 0.88
N ALA A 332 -14.51 30.68 2.07
CA ALA A 332 -14.46 29.36 2.70
C ALA A 332 -13.91 29.54 4.11
N ASN A 333 -13.81 28.46 4.87
CA ASN A 333 -13.27 28.49 6.23
C ASN A 333 -12.19 27.39 6.41
N SER A 334 -11.87 26.67 5.32
CA SER A 334 -10.96 25.52 5.36
C SER A 334 -10.26 25.30 4.02
N ILE A 335 -9.01 24.78 4.08
CA ILE A 335 -8.20 24.50 2.91
C ILE A 335 -7.62 23.12 2.99
N LEU A 336 -7.68 22.40 1.86
CA LEU A 336 -7.06 21.10 1.72
C LEU A 336 -5.57 21.34 1.33
N ILE A 337 -4.65 20.70 2.05
CA ILE A 337 -3.22 20.85 1.84
C ILE A 337 -2.59 19.65 1.15
N LYS A 338 -2.01 19.90 -0.03
CA LYS A 338 -1.28 18.89 -0.80
C LYS A 338 0.12 19.42 -1.06
N LEU A 339 1.12 18.77 -0.43
CA LEU A 339 2.54 19.10 -0.49
C LEU A 339 3.04 19.33 -1.89
N ASN A 340 2.73 18.40 -2.80
CA ASN A 340 3.21 18.44 -4.19
C ASN A 340 2.46 19.45 -5.08
N GLN A 341 1.39 20.05 -4.56
CA GLN A 341 0.69 21.10 -5.29
C GLN A 341 1.43 22.44 -5.09
N ILE A 342 2.21 22.56 -3.99
CA ILE A 342 2.97 23.75 -3.66
C ILE A 342 4.49 23.50 -3.94
N GLY A 343 5.00 22.29 -3.71
CA GLY A 343 6.37 21.93 -4.09
C GLY A 343 7.50 21.92 -3.07
N SER A 344 7.32 22.56 -1.92
CA SER A 344 8.34 22.58 -0.86
C SER A 344 7.70 22.46 0.51
N LEU A 345 8.47 21.96 1.48
CA LEU A 345 8.04 21.82 2.87
C LEU A 345 7.80 23.20 3.49
N THR A 346 8.72 24.17 3.26
CA THR A 346 8.59 25.54 3.79
C THR A 346 7.30 26.23 3.33
N GLU A 347 7.03 26.17 2.02
CA GLU A 347 5.85 26.79 1.41
C GLU A 347 4.55 26.11 1.88
N THR A 348 4.61 24.77 2.19
CA THR A 348 3.47 23.99 2.72
C THR A 348 3.13 24.50 4.11
N LEU A 349 4.15 24.57 4.98
CA LEU A 349 4.04 25.05 6.34
C LEU A 349 3.52 26.49 6.42
N SER A 350 3.88 27.31 5.40
CA SER A 350 3.46 28.71 5.24
C SER A 350 1.95 28.81 4.95
N ALA A 351 1.43 27.93 4.05
CA ALA A 351 0.01 27.84 3.69
C ALA A 351 -0.78 27.37 4.91
N ILE A 352 -0.31 26.29 5.56
CA ILE A 352 -0.89 25.77 6.79
C ILE A 352 -1.02 26.87 7.85
N GLN A 353 0.06 27.63 8.08
CA GLN A 353 0.07 28.69 9.07
C GLN A 353 -0.80 29.89 8.66
N LEU A 354 -0.82 30.25 7.36
CA LEU A 354 -1.67 31.37 6.88
C LEU A 354 -3.16 31.08 7.11
N ALA A 355 -3.60 29.85 6.78
CA ALA A 355 -4.97 29.42 6.98
C ALA A 355 -5.27 29.40 8.47
N GLN A 356 -4.54 28.58 9.25
CA GLN A 356 -4.68 28.44 10.71
C GLN A 356 -4.76 29.76 11.49
N ARG A 357 -3.90 30.75 11.16
CA ARG A 357 -3.90 32.06 11.88
C ARG A 357 -5.08 32.96 11.48
N SER A 358 -5.78 32.63 10.38
CA SER A 358 -6.96 33.35 9.89
C SER A 358 -8.27 32.73 10.43
N GLY A 359 -8.14 31.76 11.33
CA GLY A 359 -9.27 31.06 11.91
C GLY A 359 -9.76 29.88 11.08
N TRP A 360 -9.09 29.61 9.93
CA TRP A 360 -9.40 28.48 9.06
C TRP A 360 -8.78 27.19 9.61
N THR A 361 -9.23 26.04 9.11
CA THR A 361 -8.62 24.75 9.45
C THR A 361 -7.83 24.33 8.22
N ALA A 362 -6.73 23.60 8.43
CA ALA A 362 -5.89 23.05 7.38
C ALA A 362 -6.08 21.53 7.43
N VAL A 363 -6.53 20.96 6.28
CA VAL A 363 -6.78 19.53 6.14
C VAL A 363 -5.67 18.95 5.26
N VAL A 364 -4.68 18.33 5.90
CA VAL A 364 -3.56 17.72 5.20
C VAL A 364 -4.08 16.51 4.42
N SER A 365 -3.89 16.54 3.11
CA SER A 365 -4.35 15.45 2.28
C SER A 365 -3.23 14.66 1.61
N HIS A 366 -3.55 13.40 1.32
CA HIS A 366 -2.76 12.43 0.58
C HIS A 366 -3.06 12.70 -0.92
N ARG A 367 -2.54 11.84 -1.82
CA ARG A 367 -2.78 11.96 -3.24
C ARG A 367 -3.35 10.66 -3.77
N SER A 368 -3.82 10.66 -5.04
CA SER A 368 -4.41 9.49 -5.72
C SER A 368 -3.34 8.38 -5.84
N GLY A 369 -2.15 8.80 -6.28
CA GLY A 369 -0.99 7.95 -6.39
C GLY A 369 -0.05 8.24 -5.24
N GLU A 370 -0.27 7.57 -4.09
CA GLU A 370 0.57 7.71 -2.93
C GLU A 370 1.73 6.68 -2.94
N SER A 371 2.33 6.40 -1.76
CA SER A 371 3.45 5.47 -1.61
C SER A 371 3.58 5.01 -0.14
N GLU A 372 4.71 4.35 0.18
CA GLU A 372 5.09 3.89 1.51
C GLU A 372 5.58 5.07 2.37
N ASP A 373 5.71 6.28 1.75
CA ASP A 373 6.13 7.52 2.42
C ASP A 373 5.00 8.00 3.34
N VAL A 374 5.34 8.35 4.61
CA VAL A 374 4.34 8.73 5.62
C VAL A 374 4.61 10.09 6.24
N THR A 375 5.20 11.01 5.46
CA THR A 375 5.53 12.39 5.86
C THR A 375 4.27 13.14 6.36
N ILE A 376 3.14 13.03 5.61
CA ILE A 376 1.88 13.73 5.95
C ILE A 376 1.41 13.36 7.36
N ALA A 377 1.67 12.12 7.83
CA ALA A 377 1.35 11.73 9.20
C ALA A 377 2.20 12.55 10.22
N ASP A 378 3.51 12.73 9.97
CA ASP A 378 4.32 13.56 10.87
C ASP A 378 4.04 15.06 10.67
N LEU A 379 3.66 15.46 9.45
CA LEU A 379 3.36 16.87 9.17
C LEU A 379 2.03 17.29 9.81
N VAL A 380 1.03 16.40 9.84
CA VAL A 380 -0.26 16.73 10.40
C VAL A 380 -0.17 16.91 11.94
N VAL A 381 0.72 16.17 12.59
CA VAL A 381 0.96 16.25 14.05
C VAL A 381 1.84 17.45 14.38
N ALA A 382 2.90 17.70 13.55
CA ALA A 382 3.86 18.80 13.70
C ALA A 382 3.17 20.16 13.75
N THR A 383 2.14 20.33 12.90
CA THR A 383 1.36 21.57 12.78
C THR A 383 0.08 21.53 13.60
N ASN A 384 -0.16 20.42 14.35
CA ASN A 384 -1.38 20.22 15.14
C ASN A 384 -2.63 20.54 14.30
N ALA A 385 -2.64 20.15 13.00
CA ALA A 385 -3.74 20.45 12.05
C ALA A 385 -5.11 20.02 12.53
N GLY A 386 -5.17 18.87 13.21
CA GLY A 386 -6.38 18.31 13.80
C GLY A 386 -7.22 17.50 12.84
N GLN A 387 -6.87 17.51 11.53
CA GLN A 387 -7.59 16.80 10.47
C GLN A 387 -6.67 16.30 9.38
N ILE A 388 -6.92 15.07 8.94
CA ILE A 388 -6.19 14.42 7.85
C ILE A 388 -7.21 13.74 6.91
N LYS A 389 -6.90 13.76 5.61
CA LYS A 389 -7.70 13.10 4.60
C LYS A 389 -6.79 12.03 3.99
N THR A 390 -6.83 10.79 4.50
CA THR A 390 -5.94 9.76 3.95
C THR A 390 -6.66 8.60 3.30
N GLY A 391 -7.99 8.63 3.24
CA GLY A 391 -8.75 7.56 2.59
C GLY A 391 -9.16 6.38 3.45
N ALA A 392 -9.76 5.36 2.81
CA ALA A 392 -10.25 4.17 3.48
C ALA A 392 -9.23 3.48 4.41
N PRO A 393 -9.69 2.75 5.47
CA PRO A 393 -8.73 1.95 6.26
C PRO A 393 -8.55 0.60 5.51
N ALA A 394 -7.99 0.66 4.26
CA ALA A 394 -7.86 -0.52 3.38
C ALA A 394 -6.48 -0.64 2.72
N ARG A 395 -6.22 0.00 1.55
CA ARG A 395 -4.93 -0.13 0.83
C ARG A 395 -3.71 0.32 1.69
N THR A 396 -2.55 -0.38 1.62
CA THR A 396 -1.36 -0.03 2.44
C THR A 396 -0.85 1.40 2.12
N ASP A 397 -1.22 1.98 0.96
CA ASP A 397 -0.88 3.36 0.62
C ASP A 397 -1.51 4.23 1.71
N ARG A 398 -2.73 3.88 2.14
CA ARG A 398 -3.53 4.65 3.11
C ARG A 398 -3.20 4.20 4.53
N ILE A 399 -3.29 2.87 4.76
CA ILE A 399 -3.04 2.16 6.01
C ILE A 399 -1.66 2.52 6.61
N ALA A 400 -0.60 2.66 5.77
CA ALA A 400 0.74 3.05 6.22
C ALA A 400 0.73 4.36 7.03
N LYS A 401 -0.11 5.32 6.62
CA LYS A 401 -0.26 6.62 7.29
C LYS A 401 -0.98 6.47 8.61
N TYR A 402 -1.98 5.58 8.65
CA TYR A 402 -2.75 5.26 9.84
C TYR A 402 -1.86 4.63 10.89
N ASN A 403 -1.00 3.67 10.46
CA ASN A 403 -0.01 2.99 11.30
C ASN A 403 1.02 4.00 11.84
N GLN A 404 1.45 4.96 11.03
CA GLN A 404 2.37 6.00 11.52
C GLN A 404 1.71 6.87 12.61
N LEU A 405 0.42 7.21 12.40
CA LEU A 405 -0.35 7.99 13.40
C LEU A 405 -0.54 7.18 14.69
N LEU A 406 -0.71 5.85 14.56
CA LEU A 406 -0.78 4.94 15.71
C LEU A 406 0.52 5.03 16.49
N ARG A 407 1.69 5.01 15.80
CA ARG A 407 3.04 5.09 16.38
C ARG A 407 3.32 6.43 17.03
N ILE A 408 2.97 7.54 16.33
CA ILE A 408 3.18 8.90 16.81
C ILE A 408 2.42 9.08 18.12
N GLU A 409 1.17 8.59 18.18
CA GLU A 409 0.34 8.63 19.41
C GLU A 409 0.99 7.84 20.56
N GLU A 410 1.46 6.60 20.27
CA GLU A 410 2.12 5.74 21.25
C GLU A 410 3.35 6.42 21.78
N GLU A 411 4.24 6.92 20.87
CA GLU A 411 5.48 7.63 21.19
C GLU A 411 5.25 8.85 22.06
N LEU A 412 4.20 9.66 21.79
CA LEU A 412 3.90 10.85 22.58
C LEU A 412 3.48 10.50 24.00
N GLY A 413 2.88 9.33 24.18
CA GLY A 413 2.41 8.90 25.50
C GLY A 413 1.35 9.84 26.05
N SER A 414 1.54 10.29 27.31
CA SER A 414 0.63 11.18 28.04
C SER A 414 0.48 12.55 27.40
N ALA A 415 1.48 12.96 26.60
CA ALA A 415 1.48 14.22 25.89
C ALA A 415 0.49 14.22 24.72
N ALA A 416 0.12 13.03 24.19
CA ALA A 416 -0.80 12.87 23.05
C ALA A 416 -2.22 13.33 23.37
N ARG A 417 -2.80 14.05 22.41
CA ARG A 417 -4.12 14.59 22.53
C ARG A 417 -4.87 14.54 21.19
N TYR A 418 -5.97 13.74 21.11
CA TYR A 418 -6.83 13.58 19.95
C TYR A 418 -7.73 14.81 19.75
N ALA A 419 -7.75 15.35 18.52
CA ALA A 419 -8.49 16.55 18.13
C ALA A 419 -9.98 16.56 18.52
N GLY A 420 -10.67 15.43 18.34
CA GLY A 420 -12.09 15.30 18.66
C GLY A 420 -12.99 16.35 18.02
N ARG A 421 -13.95 16.89 18.79
CA ARG A 421 -14.85 17.93 18.28
C ARG A 421 -14.14 19.28 18.14
N SER A 422 -12.99 19.43 18.85
CA SER A 422 -12.12 20.60 18.85
C SER A 422 -11.44 20.84 17.50
N ALA A 423 -11.37 19.80 16.63
CA ALA A 423 -10.77 19.86 15.28
C ALA A 423 -11.47 20.91 14.45
N PHE A 424 -12.79 21.05 14.68
CA PHE A 424 -13.72 21.92 13.98
C PHE A 424 -13.93 23.24 14.66
N LYS A 425 -14.37 24.25 13.88
CA LYS A 425 -14.66 25.60 14.35
C LYS A 425 -16.13 25.76 14.84
N VAL A 426 -17.03 24.81 14.41
CA VAL A 426 -18.46 24.70 14.76
C VAL A 426 -18.68 24.65 16.30
N SER B 2 26.73 -5.55 22.62
CA SER B 2 26.51 -4.61 21.50
C SER B 2 25.37 -5.06 20.58
N THR B 3 25.36 -6.35 20.12
CA THR B 3 24.25 -6.91 19.34
C THR B 3 23.29 -7.65 20.27
N LEU B 4 23.51 -7.56 21.58
CA LEU B 4 22.65 -8.13 22.62
C LEU B 4 21.35 -7.36 22.67
N ILE B 5 20.23 -8.09 22.88
CA ILE B 5 18.88 -7.51 22.95
C ILE B 5 18.69 -6.70 24.25
N GLU B 6 18.27 -5.46 24.11
CA GLU B 6 18.01 -4.56 25.23
C GLU B 6 16.49 -4.39 25.52
N ALA B 7 15.66 -4.43 24.47
CA ALA B 7 14.22 -4.27 24.58
C ALA B 7 13.48 -4.91 23.43
N ILE B 8 12.30 -5.48 23.72
CA ILE B 8 11.36 -6.05 22.75
C ILE B 8 9.98 -5.46 22.98
N VAL B 9 9.53 -4.64 22.02
CA VAL B 9 8.27 -3.94 22.08
C VAL B 9 7.39 -4.33 20.90
N ALA B 10 6.13 -4.69 21.17
CA ALA B 10 5.11 -5.04 20.18
C ALA B 10 3.93 -4.08 20.30
N ARG B 11 3.31 -3.76 19.17
CA ARG B 11 2.13 -2.90 19.09
C ARG B 11 1.17 -3.53 18.12
N GLU B 12 -0.08 -3.08 18.13
CA GLU B 12 -1.09 -3.54 17.19
C GLU B 12 -1.24 -2.45 16.13
N VAL B 13 -1.04 -2.83 14.87
CA VAL B 13 -1.19 -1.96 13.70
C VAL B 13 -2.24 -2.61 12.78
N LEU B 14 -2.45 -2.04 11.59
CA LEU B 14 -3.38 -2.59 10.63
C LEU B 14 -2.65 -3.13 9.42
N ASP B 15 -3.23 -4.17 8.81
CA ASP B 15 -2.68 -4.74 7.59
C ASP B 15 -3.34 -4.10 6.35
N SER B 16 -3.02 -4.57 5.15
CA SER B 16 -3.54 -4.03 3.89
C SER B 16 -5.05 -4.19 3.70
N ARG B 17 -5.71 -4.94 4.58
CA ARG B 17 -7.16 -5.22 4.55
C ARG B 17 -7.92 -4.44 5.64
N GLY B 18 -7.16 -3.75 6.50
CA GLY B 18 -7.70 -2.98 7.61
C GLY B 18 -7.95 -3.84 8.84
N ASN B 19 -7.26 -5.01 8.90
CA ASN B 19 -7.36 -5.96 10.00
C ASN B 19 -6.18 -5.84 10.94
N PRO B 20 -6.37 -5.94 12.28
CA PRO B 20 -5.22 -5.82 13.19
C PRO B 20 -4.14 -6.84 12.87
N THR B 21 -2.91 -6.38 13.01
CA THR B 21 -1.72 -7.18 12.84
C THR B 21 -0.66 -6.72 13.85
N ILE B 22 0.33 -7.58 14.08
CA ILE B 22 1.38 -7.26 15.03
C ILE B 22 2.62 -6.66 14.31
N GLU B 23 3.17 -5.61 14.94
CA GLU B 23 4.42 -4.97 14.57
C GLU B 23 5.32 -5.19 15.77
N VAL B 24 6.55 -5.67 15.54
CA VAL B 24 7.54 -5.93 16.61
C VAL B 24 8.78 -5.08 16.39
N ASP B 25 9.24 -4.39 17.43
CA ASP B 25 10.46 -3.61 17.48
C ASP B 25 11.45 -4.31 18.44
N VAL B 26 12.67 -4.63 17.95
CA VAL B 26 13.75 -5.23 18.74
C VAL B 26 14.85 -4.18 18.78
N ARG B 27 15.22 -3.74 20.00
CA ARG B 27 16.25 -2.73 20.23
C ARG B 27 17.46 -3.38 20.83
N LEU B 28 18.64 -3.18 20.22
CA LEU B 28 19.92 -3.74 20.70
C LEU B 28 20.71 -2.76 21.55
N GLU B 29 21.73 -3.26 22.27
CA GLU B 29 22.58 -2.38 23.10
C GLU B 29 23.31 -1.33 22.26
N SER B 30 23.56 -1.65 20.97
CA SER B 30 24.15 -0.75 19.98
C SER B 30 23.29 0.49 19.74
N GLY B 31 21.99 0.41 20.07
CA GLY B 31 21.02 1.48 19.84
C GLY B 31 20.19 1.22 18.58
N ASP B 32 20.53 0.13 17.85
CA ASP B 32 19.83 -0.22 16.64
C ASP B 32 18.51 -0.89 16.93
N VAL B 33 17.48 -0.53 16.15
CA VAL B 33 16.12 -1.06 16.27
C VAL B 33 15.75 -1.75 14.96
N GLY B 34 15.22 -2.95 15.07
CA GLY B 34 14.66 -3.70 13.96
C GLY B 34 13.15 -3.62 14.13
N ARG B 35 12.41 -3.53 13.04
CA ARG B 35 10.95 -3.44 13.10
C ARG B 35 10.37 -4.30 12.02
N ALA B 36 9.40 -5.14 12.36
CA ALA B 36 8.80 -6.03 11.39
C ALA B 36 7.28 -6.11 11.56
N ILE B 37 6.53 -5.98 10.44
CA ILE B 37 5.08 -6.13 10.47
C ILE B 37 4.79 -7.55 10.01
N VAL B 38 4.05 -8.31 10.83
CA VAL B 38 3.71 -9.70 10.51
C VAL B 38 2.22 -9.85 10.23
N PRO B 39 1.79 -9.65 8.98
CA PRO B 39 0.37 -9.78 8.67
C PRO B 39 -0.07 -11.23 8.39
N SER B 40 -1.33 -11.45 7.96
CA SER B 40 -1.88 -12.75 7.60
C SER B 40 -2.78 -13.01 6.38
N GLY B 41 -2.49 -14.01 5.60
CA GLY B 41 -3.26 -14.40 4.41
C GLY B 41 -4.48 -15.28 4.48
N ALA B 42 -4.32 -16.50 5.05
CA ALA B 42 -5.32 -17.57 5.25
C ALA B 42 -5.98 -18.58 4.27
N SER B 43 -5.32 -19.09 3.30
CA SER B 43 -5.81 -20.04 2.29
C SER B 43 -6.56 -21.34 2.61
N THR B 44 -5.98 -22.21 3.50
CA THR B 44 -6.56 -23.48 3.97
C THR B 44 -5.90 -23.97 5.29
N GLY B 45 -6.69 -24.67 6.11
CA GLY B 45 -6.27 -25.22 7.39
C GLY B 45 -5.44 -26.48 7.28
N ALA B 46 -4.60 -26.81 8.28
CA ALA B 46 -4.44 -26.08 9.55
C ALA B 46 -3.21 -25.14 9.57
N HIS B 47 -2.58 -24.89 8.38
CA HIS B 47 -1.40 -24.03 8.14
C HIS B 47 -0.07 -24.49 8.77
N GLU B 48 -0.10 -25.46 9.71
CA GLU B 48 1.03 -26.02 10.47
C GLU B 48 1.80 -24.97 11.34
N ALA B 49 1.29 -23.72 11.38
CA ALA B 49 1.74 -22.58 12.18
C ALA B 49 0.56 -21.62 12.32
N LEU B 50 0.05 -21.49 13.55
CA LEU B 50 -1.14 -20.69 13.83
C LEU B 50 -0.86 -19.39 14.59
N GLU B 51 -1.45 -18.27 14.09
CA GLU B 51 -1.35 -16.91 14.65
C GLU B 51 -2.36 -16.71 15.79
N LEU B 52 -2.07 -15.77 16.71
CA LEU B 52 -2.92 -15.51 17.87
C LEU B 52 -3.87 -14.29 17.72
N ARG B 53 -5.18 -14.57 17.49
CA ARG B 53 -6.27 -13.58 17.38
C ARG B 53 -7.15 -13.65 18.63
N ASP B 54 -7.36 -12.49 19.29
CA ASP B 54 -8.10 -12.30 20.56
C ASP B 54 -9.45 -13.01 20.68
N GLY B 55 -10.29 -12.94 19.64
CA GLY B 55 -11.62 -13.52 19.66
C GLY B 55 -12.66 -12.65 20.35
N ASP B 56 -12.27 -11.42 20.78
CA ASP B 56 -13.16 -10.44 21.43
C ASP B 56 -13.86 -9.62 20.34
N LYS B 57 -15.16 -9.90 20.13
CA LYS B 57 -16.05 -9.33 19.12
C LYS B 57 -16.41 -7.84 19.33
N SER B 58 -16.04 -7.26 20.49
CA SER B 58 -16.26 -5.84 20.81
C SER B 58 -15.13 -4.98 20.18
N ARG B 59 -14.08 -5.66 19.71
CA ARG B 59 -12.92 -5.04 19.09
C ARG B 59 -12.65 -5.72 17.76
N TYR B 60 -12.70 -4.95 16.65
CA TYR B 60 -12.38 -5.42 15.29
C TYR B 60 -13.04 -6.77 14.86
N ASN B 61 -14.23 -7.08 15.42
CA ASN B 61 -14.99 -8.31 15.19
C ASN B 61 -14.17 -9.59 15.46
N GLY B 62 -13.44 -9.57 16.59
CA GLY B 62 -12.60 -10.68 17.06
C GLY B 62 -11.23 -10.83 16.40
N LYS B 63 -10.95 -10.03 15.35
CA LYS B 63 -9.72 -10.09 14.56
C LYS B 63 -8.53 -9.32 15.20
N GLY B 64 -8.72 -8.81 16.42
CA GLY B 64 -7.72 -8.12 17.21
C GLY B 64 -6.57 -9.03 17.63
N VAL B 65 -5.36 -8.47 17.78
CA VAL B 65 -4.13 -9.25 18.07
C VAL B 65 -3.40 -8.81 19.37
N LEU B 66 -4.16 -8.34 20.39
CA LEU B 66 -3.66 -7.88 21.69
C LEU B 66 -2.95 -8.97 22.51
N LYS B 67 -3.43 -10.22 22.44
CA LYS B 67 -2.86 -11.38 23.16
C LYS B 67 -1.42 -11.66 22.69
N ALA B 68 -1.20 -11.63 21.35
CA ALA B 68 0.10 -11.80 20.68
C ALA B 68 1.06 -10.66 21.11
N VAL B 69 0.53 -9.41 21.28
CA VAL B 69 1.28 -8.24 21.70
C VAL B 69 1.72 -8.47 23.15
N GLN B 70 0.84 -9.05 23.99
CA GLN B 70 1.16 -9.35 25.39
C GLN B 70 2.21 -10.47 25.48
N ALA B 71 2.12 -11.49 24.61
CA ALA B 71 3.09 -12.59 24.53
C ALA B 71 4.50 -12.06 24.25
N VAL B 72 4.59 -11.05 23.36
CA VAL B 72 5.85 -10.39 22.98
C VAL B 72 6.35 -9.46 24.09
N ASN B 73 5.48 -8.57 24.61
CA ASN B 73 5.88 -7.59 25.63
C ASN B 73 6.20 -8.21 26.98
N GLU B 74 5.69 -9.42 27.23
CA GLU B 74 5.94 -10.10 28.50
C GLU B 74 6.75 -11.38 28.32
N ASP B 75 6.13 -12.49 27.89
CA ASP B 75 6.80 -13.79 27.74
C ASP B 75 8.11 -13.74 26.93
N ILE B 76 8.04 -13.28 25.67
CA ILE B 76 9.19 -13.22 24.76
C ILE B 76 10.21 -12.17 25.22
N ALA B 77 9.75 -10.99 25.69
CA ALA B 77 10.66 -9.92 26.15
C ALA B 77 11.51 -10.36 27.32
N GLU B 78 10.90 -10.93 28.39
CA GLU B 78 11.62 -11.43 29.57
C GLU B 78 12.63 -12.51 29.19
N ALA B 79 12.23 -13.47 28.37
CA ALA B 79 13.09 -14.59 27.92
C ALA B 79 14.31 -14.20 27.02
N LEU B 80 14.18 -13.14 26.19
CA LEU B 80 15.22 -12.80 25.22
C LEU B 80 16.08 -11.61 25.56
N ILE B 81 15.75 -10.79 26.56
CA ILE B 81 16.61 -9.66 26.88
C ILE B 81 17.98 -10.20 27.33
N GLY B 82 19.04 -9.70 26.72
CA GLY B 82 20.40 -10.17 26.97
C GLY B 82 20.79 -11.31 26.06
N PHE B 83 20.02 -11.53 24.99
CA PHE B 83 20.33 -12.55 24.00
C PHE B 83 21.03 -11.86 22.83
N ASP B 84 22.00 -12.54 22.21
CA ASP B 84 22.69 -12.04 21.03
C ASP B 84 21.80 -12.24 19.78
N ALA B 85 21.25 -11.11 19.25
CA ALA B 85 20.37 -11.04 18.09
C ALA B 85 21.07 -11.44 16.78
N ALA B 86 22.42 -11.41 16.75
CA ALA B 86 23.24 -11.86 15.63
C ALA B 86 23.16 -13.41 15.51
N ASP B 87 22.74 -14.11 16.59
CA ASP B 87 22.59 -15.56 16.58
C ASP B 87 21.19 -15.94 16.20
N GLN B 88 20.88 -15.83 14.92
CA GLN B 88 19.54 -16.12 14.39
C GLN B 88 19.02 -17.49 14.79
N ILE B 89 19.75 -18.56 14.41
CA ILE B 89 19.37 -19.95 14.70
C ILE B 89 19.12 -20.13 16.21
N ALA B 90 20.07 -19.70 17.06
CA ALA B 90 19.92 -19.78 18.52
C ALA B 90 18.65 -19.06 19.04
N LEU B 91 18.40 -17.81 18.61
CA LEU B 91 17.23 -17.00 18.97
C LEU B 91 15.95 -17.68 18.53
N ASP B 92 15.94 -18.18 17.28
CA ASP B 92 14.79 -18.88 16.72
C ASP B 92 14.51 -20.20 17.43
N GLN B 93 15.57 -20.91 17.88
CA GLN B 93 15.31 -22.15 18.62
C GLN B 93 14.87 -21.81 20.05
N GLU B 94 15.21 -20.61 20.55
CA GLU B 94 14.74 -20.14 21.86
C GLU B 94 13.22 -19.82 21.75
N LEU B 95 12.80 -19.11 20.68
CA LEU B 95 11.39 -18.80 20.47
C LEU B 95 10.56 -20.07 20.33
N ILE B 96 11.10 -21.10 19.65
CA ILE B 96 10.41 -22.38 19.47
C ILE B 96 10.30 -23.07 20.83
N ALA B 97 11.41 -23.10 21.61
CA ALA B 97 11.45 -23.69 22.96
C ALA B 97 10.37 -23.10 23.82
N LEU B 98 10.41 -21.76 24.04
CA LEU B 98 9.48 -20.93 24.80
C LEU B 98 7.97 -21.21 24.53
N ASP B 99 7.60 -21.39 23.25
CA ASP B 99 6.23 -21.67 22.87
C ASP B 99 5.84 -23.10 23.30
N GLY B 100 6.68 -24.08 22.95
CA GLY B 100 6.50 -25.48 23.31
C GLY B 100 5.56 -26.29 22.43
N THR B 101 4.63 -25.61 21.71
CA THR B 101 3.65 -26.28 20.84
C THR B 101 4.22 -26.45 19.42
N PRO B 102 3.85 -27.48 18.64
CA PRO B 102 4.45 -27.62 17.29
C PRO B 102 3.86 -26.71 16.21
N ASN B 103 2.73 -26.07 16.52
CA ASN B 103 1.99 -25.18 15.61
C ASN B 103 2.14 -23.70 16.03
N LYS B 104 2.95 -23.43 17.07
CA LYS B 104 3.21 -22.10 17.63
C LYS B 104 1.94 -21.44 18.19
N SER B 105 0.96 -22.26 18.65
CA SER B 105 -0.34 -21.84 19.16
C SER B 105 -0.33 -21.20 20.55
N LYS B 106 0.70 -21.48 21.38
CA LYS B 106 0.78 -20.88 22.71
C LYS B 106 1.02 -19.35 22.61
N LEU B 107 2.20 -18.94 22.07
CA LEU B 107 2.59 -17.53 21.89
C LEU B 107 1.99 -16.89 20.61
N GLY B 108 1.76 -17.70 19.58
CA GLY B 108 1.27 -17.27 18.30
C GLY B 108 2.40 -17.25 17.29
N ALA B 109 2.14 -17.76 16.05
CA ALA B 109 3.16 -17.79 14.99
C ALA B 109 3.57 -16.37 14.64
N ASN B 110 2.56 -15.45 14.68
CA ASN B 110 2.66 -14.01 14.42
C ASN B 110 3.60 -13.30 15.44
N ALA B 111 3.56 -13.73 16.71
CA ALA B 111 4.42 -13.18 17.76
C ALA B 111 5.89 -13.62 17.53
N ILE B 112 6.10 -14.94 17.26
CA ILE B 112 7.40 -15.56 17.03
C ILE B 112 8.08 -14.99 15.75
N LEU B 113 7.39 -15.01 14.58
CA LEU B 113 7.93 -14.47 13.33
C LEU B 113 8.34 -13.00 13.42
N GLY B 114 7.54 -12.20 14.14
CA GLY B 114 7.77 -10.77 14.33
C GLY B 114 9.09 -10.48 15.01
N VAL B 115 9.32 -11.17 16.14
CA VAL B 115 10.56 -11.09 16.92
C VAL B 115 11.68 -11.70 16.10
N SER B 116 11.39 -12.79 15.39
CA SER B 116 12.36 -13.51 14.55
C SER B 116 12.95 -12.59 13.46
N LEU B 117 12.08 -11.86 12.74
CA LEU B 117 12.45 -10.94 11.67
C LEU B 117 13.00 -9.63 12.17
N ALA B 118 12.43 -9.08 13.27
CA ALA B 118 12.86 -7.80 13.82
C ALA B 118 14.25 -7.92 14.42
N ALA B 119 14.58 -9.08 15.01
CA ALA B 119 15.88 -9.37 15.61
C ALA B 119 16.95 -9.40 14.52
N ALA B 120 16.60 -9.91 13.32
CA ALA B 120 17.49 -9.95 12.17
C ALA B 120 17.74 -8.54 11.66
N LYS B 121 16.66 -7.76 11.48
CA LYS B 121 16.75 -6.38 11.00
C LYS B 121 17.62 -5.53 11.90
N ALA B 122 17.46 -5.69 13.22
CA ALA B 122 18.23 -5.00 14.25
C ALA B 122 19.71 -5.36 14.16
N ALA B 123 20.03 -6.65 13.95
CA ALA B 123 21.41 -7.10 13.81
C ALA B 123 22.03 -6.61 12.49
N ALA B 124 21.26 -6.65 11.37
CA ALA B 124 21.75 -6.20 10.06
C ALA B 124 22.16 -4.74 10.15
N ALA B 125 21.36 -3.92 10.83
CA ALA B 125 21.62 -2.51 11.03
C ALA B 125 22.83 -2.27 11.95
N ALA B 126 23.10 -3.19 12.91
CA ALA B 126 24.21 -3.11 13.84
C ALA B 126 25.57 -3.35 13.17
N PHE B 127 25.63 -4.32 12.23
CA PHE B 127 26.78 -4.65 11.40
C PHE B 127 26.86 -3.67 10.23
N GLY B 128 25.82 -2.88 10.05
CA GLY B 128 25.72 -1.88 8.98
C GLY B 128 25.74 -2.53 7.62
N LEU B 129 25.03 -3.65 7.49
CA LEU B 129 24.92 -4.39 6.24
C LEU B 129 23.47 -4.33 5.74
N PRO B 130 23.22 -4.34 4.40
CA PRO B 130 21.83 -4.45 3.93
C PRO B 130 21.28 -5.85 4.29
N LEU B 131 19.99 -5.94 4.64
CA LEU B 131 19.31 -7.18 5.08
C LEU B 131 19.62 -8.42 4.23
N TYR B 132 19.59 -8.31 2.88
CA TYR B 132 19.90 -9.45 1.98
C TYR B 132 21.34 -9.97 2.18
N ARG B 133 22.28 -9.05 2.54
CA ARG B 133 23.68 -9.40 2.77
C ARG B 133 23.83 -10.05 4.15
N TYR B 134 23.24 -9.46 5.19
CA TYR B 134 23.26 -10.05 6.52
C TYR B 134 22.61 -11.45 6.51
N LEU B 135 21.54 -11.62 5.70
CA LEU B 135 20.87 -12.89 5.60
C LEU B 135 21.62 -13.88 4.77
N GLY B 136 21.98 -13.53 3.55
CA GLY B 136 22.59 -14.47 2.61
C GLY B 136 24.09 -14.49 2.37
N GLY B 137 24.82 -13.56 2.94
CA GLY B 137 26.26 -13.49 2.77
C GLY B 137 26.70 -12.89 1.44
N VAL B 138 28.02 -12.95 1.16
CA VAL B 138 28.67 -12.34 -0.01
C VAL B 138 28.11 -12.73 -1.37
N TYR B 139 27.44 -13.90 -1.52
CA TYR B 139 26.95 -14.37 -2.81
C TYR B 139 25.46 -14.04 -3.04
N ALA B 140 24.84 -13.26 -2.14
CA ALA B 140 23.43 -12.83 -2.25
C ALA B 140 23.39 -11.69 -3.27
N HIS B 141 22.96 -12.00 -4.52
CA HIS B 141 22.96 -11.02 -5.63
C HIS B 141 21.93 -11.27 -6.75
N VAL B 142 21.12 -12.36 -6.68
CA VAL B 142 20.22 -12.69 -7.79
C VAL B 142 18.86 -12.00 -7.64
N LEU B 143 18.49 -11.23 -8.67
CA LEU B 143 17.21 -10.51 -8.71
C LEU B 143 16.15 -11.39 -9.34
N PRO B 144 14.98 -11.53 -8.68
CA PRO B 144 14.00 -12.51 -9.16
C PRO B 144 13.15 -12.05 -10.32
N VAL B 145 12.69 -13.02 -11.11
CA VAL B 145 11.72 -12.77 -12.16
C VAL B 145 10.41 -12.70 -11.37
N PRO B 146 9.65 -11.58 -11.45
CA PRO B 146 8.39 -11.51 -10.71
C PRO B 146 7.21 -12.26 -11.40
N MET B 147 6.27 -12.80 -10.57
CA MET B 147 5.00 -13.44 -10.95
C MET B 147 3.95 -12.36 -10.76
N MET B 148 3.75 -11.55 -11.80
CA MET B 148 2.86 -10.40 -11.69
C MET B 148 1.39 -10.72 -12.03
N ASN B 149 0.53 -10.70 -11.00
CA ASN B 149 -0.90 -10.97 -11.10
C ASN B 149 -1.62 -9.87 -11.90
N ILE B 150 -2.24 -10.22 -13.03
CA ILE B 150 -2.91 -9.23 -13.87
C ILE B 150 -4.41 -9.58 -14.08
N MET B 151 -4.85 -10.77 -13.60
CA MET B 151 -6.24 -11.25 -13.73
C MET B 151 -6.60 -12.19 -12.57
N ASN B 152 -7.85 -12.11 -12.09
CA ASN B 152 -8.37 -12.96 -11.01
C ASN B 152 -9.61 -13.79 -11.44
N GLY B 153 -10.41 -14.18 -10.44
CA GLY B 153 -11.61 -15.00 -10.57
C GLY B 153 -11.76 -15.90 -9.36
N GLY B 154 -12.99 -16.06 -8.87
CA GLY B 154 -13.29 -16.88 -7.71
C GLY B 154 -13.61 -16.07 -6.46
N GLN B 155 -13.02 -16.47 -5.30
CA GLN B 155 -13.23 -15.79 -4.02
C GLN B 155 -12.04 -14.89 -3.58
N HIS B 156 -12.21 -14.15 -2.44
CA HIS B 156 -11.27 -13.20 -1.81
C HIS B 156 -11.22 -11.86 -2.59
N ALA B 157 -12.39 -11.42 -3.10
CA ALA B 157 -12.58 -10.18 -3.86
C ALA B 157 -12.65 -8.96 -2.93
N PHE B 163 -9.84 -21.67 -13.54
CA PHE B 163 -8.61 -21.08 -13.02
C PHE B 163 -8.81 -19.72 -12.29
N GLN B 164 -8.16 -19.55 -11.10
CA GLN B 164 -8.26 -18.35 -10.24
C GLN B 164 -7.29 -17.21 -10.65
N GLU B 165 -5.99 -17.28 -10.27
CA GLU B 165 -4.98 -16.26 -10.55
C GLU B 165 -4.26 -16.51 -11.87
N PHE B 166 -4.15 -15.45 -12.69
CA PHE B 166 -3.46 -15.46 -13.99
C PHE B 166 -2.32 -14.41 -13.91
N MET B 167 -1.06 -14.86 -14.07
CA MET B 167 0.10 -13.98 -13.93
C MET B 167 1.05 -14.04 -15.09
N ILE B 168 1.77 -12.93 -15.31
CA ILE B 168 2.82 -12.79 -16.32
C ILE B 168 4.22 -12.74 -15.66
N MET B 169 5.24 -13.21 -16.40
CA MET B 169 6.61 -13.30 -15.93
C MET B 169 7.58 -12.77 -16.98
N PRO B 170 8.21 -11.60 -16.73
CA PRO B 170 9.13 -11.02 -17.72
C PRO B 170 10.52 -11.65 -17.75
N VAL B 171 10.59 -12.92 -18.20
CA VAL B 171 11.81 -13.71 -18.30
C VAL B 171 12.88 -13.13 -19.24
N GLY B 172 12.47 -12.47 -20.31
CA GLY B 172 13.36 -11.93 -21.33
C GLY B 172 14.20 -10.71 -20.98
N ALA B 173 13.80 -9.96 -19.94
CA ALA B 173 14.50 -8.74 -19.50
C ALA B 173 15.94 -8.97 -19.03
N GLU B 174 16.77 -7.91 -19.15
CA GLU B 174 18.19 -7.86 -18.81
C GLU B 174 18.44 -7.45 -17.36
N SER B 175 17.37 -6.97 -16.68
CA SER B 175 17.40 -6.53 -15.30
C SER B 175 16.02 -6.56 -14.73
N PHE B 176 15.91 -6.55 -13.39
CA PHE B 176 14.63 -6.49 -12.68
C PHE B 176 13.89 -5.20 -13.06
N ARG B 177 14.62 -4.09 -13.17
CA ARG B 177 14.10 -2.78 -13.49
C ARG B 177 13.36 -2.77 -14.82
N GLU B 178 13.87 -3.46 -15.85
CA GLU B 178 13.20 -3.49 -17.14
C GLU B 178 12.05 -4.48 -17.14
N GLY B 179 12.21 -5.62 -16.46
CA GLY B 179 11.11 -6.58 -16.28
C GLY B 179 9.94 -5.97 -15.55
N LEU B 180 10.21 -5.12 -14.53
CA LEU B 180 9.18 -4.40 -13.77
C LEU B 180 8.38 -3.48 -14.71
N ARG B 181 9.07 -2.75 -15.61
CA ARG B 181 8.47 -1.84 -16.59
C ARG B 181 7.59 -2.67 -17.55
N TRP B 182 8.18 -3.73 -18.16
CA TRP B 182 7.49 -4.67 -19.04
C TRP B 182 6.16 -5.12 -18.45
N GLY B 183 6.18 -5.65 -17.23
CA GLY B 183 4.97 -6.09 -16.55
C GLY B 183 3.97 -4.99 -16.28
N ALA B 184 4.45 -3.79 -15.88
CA ALA B 184 3.63 -2.61 -15.57
C ALA B 184 2.95 -2.06 -16.82
N GLU B 185 3.69 -2.02 -17.94
CA GLU B 185 3.19 -1.56 -19.23
C GLU B 185 2.08 -2.51 -19.69
N ILE B 186 2.30 -3.84 -19.59
CA ILE B 186 1.32 -4.88 -19.96
C ILE B 186 0.09 -4.84 -19.04
N TYR B 187 0.26 -4.53 -17.73
CA TYR B 187 -0.85 -4.40 -16.79
C TYR B 187 -1.70 -3.17 -17.15
N HIS B 188 -1.06 -2.08 -17.64
CA HIS B 188 -1.74 -0.85 -18.06
C HIS B 188 -2.41 -1.05 -19.44
N MET B 189 -1.75 -1.81 -20.34
CA MET B 189 -2.25 -2.15 -21.67
C MET B 189 -3.49 -3.04 -21.57
N LEU B 190 -3.51 -3.99 -20.61
CA LEU B 190 -4.65 -4.89 -20.38
C LEU B 190 -5.83 -4.13 -19.76
N LYS B 191 -5.58 -3.15 -18.86
CA LYS B 191 -6.62 -2.32 -18.24
C LYS B 191 -7.37 -1.46 -19.27
N LYS B 192 -6.83 -1.42 -20.52
CA LYS B 192 -7.40 -0.73 -21.68
C LYS B 192 -8.14 -1.78 -22.55
N VAL B 193 -7.59 -3.02 -22.69
CA VAL B 193 -8.22 -4.11 -23.45
C VAL B 193 -9.51 -4.60 -22.73
N ILE B 194 -9.56 -4.48 -21.38
CA ILE B 194 -10.76 -4.86 -20.60
C ILE B 194 -11.87 -3.81 -20.87
N HIS B 195 -11.48 -2.52 -20.92
CA HIS B 195 -12.40 -1.39 -21.20
C HIS B 195 -12.89 -1.40 -22.67
N ASP B 196 -12.02 -1.79 -23.62
CA ASP B 196 -12.36 -1.84 -25.06
C ASP B 196 -13.10 -3.12 -25.47
N ARG B 197 -12.94 -4.22 -24.71
CA ARG B 197 -13.63 -5.49 -24.93
C ARG B 197 -14.43 -5.87 -23.65
N GLY B 198 -15.32 -4.95 -23.26
CA GLY B 198 -16.17 -5.08 -22.08
C GLY B 198 -16.19 -3.86 -21.20
N PHE B 199 -16.22 -4.08 -19.86
CA PHE B 199 -16.27 -3.07 -18.79
C PHE B 199 -15.93 -3.70 -17.39
N SER B 200 -16.63 -3.21 -16.31
CA SER B 200 -16.63 -3.64 -14.90
C SER B 200 -15.41 -3.21 -14.04
N THR B 201 -14.27 -2.85 -14.66
CA THR B 201 -12.99 -2.45 -14.04
C THR B 201 -13.11 -1.73 -12.68
N THR B 202 -12.39 -2.25 -11.64
CA THR B 202 -12.36 -1.72 -10.26
C THR B 202 -10.98 -1.92 -9.60
N VAL B 203 -10.54 -3.20 -9.38
CA VAL B 203 -9.26 -3.64 -8.76
C VAL B 203 -9.65 -3.92 -7.28
N GLY B 204 -8.92 -4.77 -6.60
CA GLY B 204 -9.12 -5.14 -5.19
C GLY B 204 -9.78 -6.46 -4.80
N ASP B 205 -9.22 -7.24 -3.83
CA ASP B 205 -7.98 -7.01 -3.06
C ASP B 205 -6.72 -7.24 -3.89
N GLU B 206 -6.67 -8.37 -4.64
CA GLU B 206 -5.53 -8.70 -5.51
C GLU B 206 -5.68 -7.94 -6.84
N GLY B 207 -4.73 -7.05 -7.09
CA GLY B 207 -4.61 -6.11 -8.20
C GLY B 207 -5.13 -6.49 -9.56
N GLY B 208 -4.91 -7.73 -9.96
CA GLY B 208 -5.42 -8.22 -11.24
C GLY B 208 -6.92 -8.36 -11.25
N PHE B 209 -7.62 -7.29 -11.68
CA PHE B 209 -9.08 -7.22 -11.74
C PHE B 209 -9.73 -8.48 -12.36
N ALA B 210 -10.83 -8.96 -11.75
CA ALA B 210 -11.58 -10.14 -12.19
C ALA B 210 -12.84 -9.81 -13.03
N PRO B 211 -12.76 -9.87 -14.37
CA PRO B 211 -13.94 -9.59 -15.19
C PRO B 211 -14.76 -10.84 -15.48
N SER B 212 -16.11 -10.69 -15.53
CA SER B 212 -17.03 -11.80 -15.83
C SER B 212 -16.85 -12.17 -17.30
N LEU B 213 -16.14 -13.29 -17.54
CA LEU B 213 -15.77 -13.77 -18.87
C LEU B 213 -16.58 -14.97 -19.41
N PRO B 214 -16.71 -15.12 -20.76
CA PRO B 214 -17.50 -16.25 -21.28
C PRO B 214 -16.81 -17.64 -21.22
N THR B 215 -15.53 -17.74 -21.65
CA THR B 215 -14.76 -19.00 -21.70
C THR B 215 -13.57 -19.04 -20.72
N ASN B 216 -13.12 -20.26 -20.34
CA ASN B 216 -11.97 -20.48 -19.44
C ASN B 216 -10.60 -20.37 -20.15
N ASP B 217 -10.56 -20.47 -21.50
CA ASP B 217 -9.34 -20.32 -22.32
C ASP B 217 -9.16 -18.86 -22.78
N ALA B 218 -10.21 -18.03 -22.58
CA ALA B 218 -10.28 -16.61 -22.94
C ALA B 218 -9.38 -15.69 -22.09
N PRO B 219 -9.21 -15.84 -20.74
CA PRO B 219 -8.31 -14.92 -20.01
C PRO B 219 -6.91 -14.93 -20.58
N LEU B 220 -6.48 -16.11 -21.09
CA LEU B 220 -5.19 -16.32 -21.75
C LEU B 220 -5.15 -15.55 -23.07
N GLN B 221 -6.27 -15.52 -23.82
CA GLN B 221 -6.39 -14.81 -25.10
C GLN B 221 -6.31 -13.28 -24.90
N LEU B 222 -6.90 -12.77 -23.79
CA LEU B 222 -6.87 -11.35 -23.40
C LEU B 222 -5.42 -10.92 -23.07
N ILE B 223 -4.76 -11.72 -22.22
CA ILE B 223 -3.38 -11.54 -21.76
C ILE B 223 -2.43 -11.58 -22.96
N MET B 224 -2.55 -12.63 -23.82
CA MET B 224 -1.73 -12.82 -25.02
C MET B 224 -1.88 -11.67 -26.02
N GLU B 225 -3.07 -11.03 -26.05
CA GLU B 225 -3.30 -9.88 -26.92
C GLU B 225 -2.57 -8.69 -26.33
N ALA B 226 -2.86 -8.33 -25.05
CA ALA B 226 -2.22 -7.24 -24.30
C ALA B 226 -0.68 -7.28 -24.35
N ILE B 227 -0.07 -8.50 -24.36
CA ILE B 227 1.39 -8.69 -24.47
C ILE B 227 1.87 -8.16 -25.83
N GLU B 228 1.18 -8.58 -26.92
CA GLU B 228 1.50 -8.17 -28.29
C GLU B 228 1.11 -6.73 -28.58
N LYS B 229 0.03 -6.25 -27.94
CA LYS B 229 -0.49 -4.89 -28.05
C LYS B 229 0.44 -3.87 -27.37
N ALA B 230 1.29 -4.34 -26.41
CA ALA B 230 2.26 -3.54 -25.66
C ALA B 230 3.66 -3.54 -26.32
N GLY B 231 3.85 -4.38 -27.34
CA GLY B 231 5.09 -4.51 -28.08
C GLY B 231 6.02 -5.60 -27.57
N TYR B 232 5.48 -6.59 -26.85
CA TYR B 232 6.30 -7.65 -26.28
C TYR B 232 6.02 -9.02 -26.89
N ARG B 233 7.09 -9.81 -27.11
CA ARG B 233 7.09 -11.15 -27.73
C ARG B 233 6.79 -12.29 -26.72
N PRO B 234 5.62 -12.97 -26.80
CA PRO B 234 5.36 -14.10 -25.87
C PRO B 234 6.35 -15.26 -26.00
N GLY B 235 6.53 -15.98 -24.90
CA GLY B 235 7.47 -17.09 -24.79
C GLY B 235 8.89 -16.58 -24.65
N GLU B 236 9.33 -15.76 -25.63
CA GLU B 236 10.64 -15.12 -25.72
C GLU B 236 10.88 -14.12 -24.57
N GLN B 237 10.05 -13.07 -24.51
CA GLN B 237 10.12 -11.98 -23.54
C GLN B 237 9.20 -12.20 -22.34
N ILE B 238 7.89 -12.42 -22.59
CA ILE B 238 6.88 -12.61 -21.53
C ILE B 238 6.33 -14.03 -21.53
N VAL B 239 6.17 -14.62 -20.34
CA VAL B 239 5.64 -15.99 -20.19
C VAL B 239 4.51 -15.97 -19.18
N ILE B 240 3.58 -16.93 -19.28
CA ILE B 240 2.40 -17.03 -18.39
C ILE B 240 2.65 -18.04 -17.25
N ALA B 241 2.17 -17.70 -16.05
CA ALA B 241 2.23 -18.51 -14.85
C ALA B 241 0.82 -18.57 -14.28
N LEU B 242 0.29 -19.80 -14.08
CA LEU B 242 -1.08 -19.96 -13.62
C LEU B 242 -1.22 -20.56 -12.25
N ASP B 243 -2.13 -19.98 -11.45
CA ASP B 243 -2.50 -20.52 -10.16
C ASP B 243 -4.01 -20.81 -10.23
N PRO B 244 -4.43 -21.93 -10.86
CA PRO B 244 -5.86 -22.26 -10.93
C PRO B 244 -6.55 -22.43 -9.59
N ALA B 245 -5.78 -22.83 -8.53
CA ALA B 245 -6.22 -23.03 -7.14
C ALA B 245 -6.89 -24.23 -6.47
N THR B 246 -7.79 -24.91 -7.22
CA THR B 246 -8.56 -26.06 -6.72
C THR B 246 -9.24 -25.97 -5.31
N THR B 247 -9.67 -24.74 -4.91
CA THR B 247 -10.36 -24.42 -3.65
C THR B 247 -11.82 -24.86 -3.82
N GLU B 248 -12.61 -24.06 -4.60
CA GLU B 248 -14.02 -24.34 -4.93
C GLU B 248 -14.10 -25.57 -5.85
N ILE B 249 -12.99 -25.86 -6.57
CA ILE B 249 -12.84 -27.03 -7.44
C ILE B 249 -12.40 -28.17 -6.46
N PHE B 250 -13.38 -28.64 -5.65
CA PHE B 250 -13.17 -29.68 -4.63
C PHE B 250 -13.04 -31.08 -5.23
N GLU B 251 -12.55 -32.03 -4.42
CA GLU B 251 -12.38 -33.42 -4.84
C GLU B 251 -13.37 -34.36 -4.12
N ASP B 252 -13.59 -35.57 -4.70
CA ASP B 252 -14.55 -36.61 -4.28
C ASP B 252 -16.00 -36.01 -4.19
N GLY B 253 -16.69 -35.72 -5.33
CA GLY B 253 -16.30 -35.93 -6.74
C GLY B 253 -15.13 -35.06 -7.21
N LYS B 254 -14.13 -35.71 -7.84
CA LYS B 254 -12.88 -35.13 -8.34
C LYS B 254 -13.01 -34.08 -9.45
N TYR B 255 -12.19 -33.00 -9.34
CA TYR B 255 -12.05 -31.88 -10.26
C TYR B 255 -13.38 -31.23 -10.75
N HIS B 256 -14.07 -30.50 -9.85
CA HIS B 256 -15.33 -29.81 -10.16
C HIS B 256 -15.10 -28.57 -11.06
N LEU B 257 -15.07 -28.77 -12.39
CA LEU B 257 -14.87 -27.66 -13.33
C LEU B 257 -16.20 -27.04 -13.77
N LYS B 258 -16.44 -25.80 -13.33
CA LYS B 258 -17.64 -25.02 -13.62
C LYS B 258 -17.25 -23.55 -13.93
N ARG B 259 -17.90 -22.88 -14.91
CA ARG B 259 -18.99 -23.40 -15.73
C ARG B 259 -18.50 -23.86 -17.10
N GLU B 260 -18.40 -25.19 -17.27
CA GLU B 260 -17.97 -25.87 -18.50
C GLU B 260 -18.59 -27.27 -18.51
N GLY B 261 -19.08 -27.71 -17.34
CA GLY B 261 -19.73 -28.99 -17.10
C GLY B 261 -18.90 -30.22 -17.39
N ARG B 262 -17.56 -30.08 -17.43
CA ARG B 262 -16.62 -31.17 -17.71
C ARG B 262 -16.47 -32.13 -16.53
N SER B 263 -16.36 -31.59 -15.30
CA SER B 263 -16.22 -32.29 -14.01
C SER B 263 -15.02 -33.28 -13.94
N LEU B 264 -15.25 -34.50 -13.42
CA LEU B 264 -14.32 -35.62 -13.20
C LEU B 264 -13.27 -35.87 -14.33
N SER B 265 -12.03 -36.33 -14.01
CA SER B 265 -11.52 -36.68 -12.68
C SER B 265 -10.12 -36.11 -12.47
N SER B 266 -9.31 -36.71 -11.57
CA SER B 266 -7.93 -36.32 -11.26
C SER B 266 -6.99 -36.60 -12.45
N ALA B 267 -7.21 -37.72 -13.15
CA ALA B 267 -6.44 -38.14 -14.31
C ALA B 267 -6.73 -37.26 -15.53
N GLU B 268 -8.02 -36.94 -15.76
CA GLU B 268 -8.45 -36.09 -16.88
C GLU B 268 -7.96 -34.65 -16.70
N MET B 269 -7.90 -34.18 -15.43
CA MET B 269 -7.45 -32.85 -14.99
C MET B 269 -6.04 -32.54 -15.50
N VAL B 270 -5.12 -33.52 -15.36
CA VAL B 270 -3.72 -33.45 -15.81
C VAL B 270 -3.70 -33.23 -17.33
N ASP B 271 -4.55 -34.00 -18.06
CA ASP B 271 -4.66 -33.93 -19.51
C ASP B 271 -5.09 -32.55 -20.03
N TYR B 272 -5.82 -31.77 -19.19
CA TYR B 272 -6.26 -30.42 -19.55
C TYR B 272 -5.07 -29.47 -19.59
N TRP B 273 -4.22 -29.52 -18.53
CA TRP B 273 -3.02 -28.69 -18.42
C TRP B 273 -2.06 -28.90 -19.60
N VAL B 274 -1.97 -30.15 -20.13
CA VAL B 274 -1.13 -30.48 -21.30
C VAL B 274 -1.67 -29.79 -22.59
N ASP B 275 -2.98 -29.49 -22.62
CA ASP B 275 -3.62 -28.84 -23.77
C ASP B 275 -3.27 -27.35 -23.84
N LEU B 276 -3.47 -26.63 -22.72
CA LEU B 276 -3.18 -25.19 -22.59
C LEU B 276 -1.70 -24.90 -22.81
N VAL B 277 -0.83 -25.76 -22.26
CA VAL B 277 0.64 -25.65 -22.32
C VAL B 277 1.17 -25.83 -23.77
N ASN B 278 0.55 -26.73 -24.55
CA ASN B 278 0.97 -26.99 -25.93
C ASN B 278 0.52 -25.91 -26.91
N ARG B 279 -0.43 -25.05 -26.51
CA ARG B 279 -0.96 -23.95 -27.33
C ARG B 279 -0.45 -22.56 -26.88
N TYR B 280 -0.51 -22.28 -25.56
CA TYR B 280 -0.09 -21.05 -24.89
C TYR B 280 1.28 -21.19 -24.16
N PRO B 281 2.05 -20.08 -23.95
CA PRO B 281 3.33 -20.23 -23.24
C PRO B 281 3.17 -20.24 -21.71
N ILE B 282 2.78 -21.39 -21.15
CA ILE B 282 2.64 -21.48 -19.69
C ILE B 282 3.85 -22.22 -19.13
N ILE B 283 4.71 -21.46 -18.41
CA ILE B 283 5.95 -21.95 -17.80
C ILE B 283 5.70 -22.54 -16.41
N SER B 284 4.71 -22.02 -15.68
CA SER B 284 4.42 -22.42 -14.31
C SER B 284 2.95 -22.67 -14.02
N LEU B 285 2.68 -23.72 -13.23
CA LEU B 285 1.36 -24.13 -12.76
C LEU B 285 1.42 -24.36 -11.24
N GLU B 286 0.57 -23.67 -10.49
CA GLU B 286 0.54 -23.74 -9.02
C GLU B 286 -0.81 -24.24 -8.54
N ASP B 287 -0.82 -25.28 -7.66
CA ASP B 287 -2.03 -25.91 -7.11
C ASP B 287 -2.99 -26.39 -8.24
N GLY B 288 -2.39 -27.03 -9.26
CA GLY B 288 -3.09 -27.57 -10.43
C GLY B 288 -4.02 -28.71 -10.06
N LEU B 289 -3.77 -29.33 -8.89
CA LEU B 289 -4.53 -30.41 -8.25
C LEU B 289 -4.71 -30.10 -6.75
N ALA B 290 -5.55 -30.87 -6.04
CA ALA B 290 -5.93 -30.67 -4.65
C ALA B 290 -4.82 -30.82 -3.60
N GLU B 291 -5.08 -30.21 -2.43
CA GLU B 291 -4.30 -30.13 -1.19
C GLU B 291 -3.69 -31.48 -0.76
N ASP B 292 -4.47 -32.58 -0.85
CA ASP B 292 -3.99 -33.90 -0.44
C ASP B 292 -4.19 -35.01 -1.50
N ASP B 293 -4.28 -34.63 -2.80
CA ASP B 293 -4.38 -35.59 -3.91
C ASP B 293 -2.95 -35.97 -4.37
N TRP B 294 -2.19 -36.64 -3.47
CA TRP B 294 -0.80 -37.06 -3.67
C TRP B 294 -0.58 -37.94 -4.89
N GLU B 295 -1.60 -38.76 -5.26
CA GLU B 295 -1.53 -39.62 -6.45
C GLU B 295 -1.57 -38.79 -7.74
N GLY B 296 -2.39 -37.72 -7.74
CA GLY B 296 -2.56 -36.81 -8.87
C GLY B 296 -1.34 -36.00 -9.23
N TRP B 297 -0.74 -35.34 -8.21
CA TRP B 297 0.48 -34.52 -8.30
C TRP B 297 1.62 -35.31 -8.95
N ALA B 298 1.85 -36.57 -8.50
CA ALA B 298 2.87 -37.49 -9.00
C ALA B 298 2.66 -37.81 -10.48
N LEU B 299 1.38 -37.96 -10.91
CA LEU B 299 0.99 -38.20 -12.31
C LEU B 299 1.26 -36.92 -13.11
N LEU B 300 0.85 -35.75 -12.54
CA LEU B 300 1.04 -34.42 -13.12
C LEU B 300 2.54 -34.13 -13.39
N ARG B 301 3.45 -34.56 -12.47
CA ARG B 301 4.90 -34.39 -12.59
C ARG B 301 5.52 -35.23 -13.71
N ALA B 302 5.10 -36.49 -13.86
CA ALA B 302 5.59 -37.38 -14.91
C ALA B 302 5.18 -36.92 -16.31
N LYS B 303 3.95 -36.36 -16.43
CA LYS B 303 3.38 -35.89 -17.68
C LYS B 303 4.07 -34.62 -18.26
N LEU B 304 4.27 -33.55 -17.46
CA LEU B 304 4.90 -32.31 -17.99
C LEU B 304 5.87 -31.61 -16.98
N GLY B 305 6.45 -32.33 -16.03
CA GLY B 305 7.39 -31.79 -15.04
C GLY B 305 8.71 -31.36 -15.64
N ASP B 306 9.06 -31.92 -16.82
CA ASP B 306 10.28 -31.68 -17.59
C ASP B 306 10.21 -30.41 -18.46
N ARG B 307 8.98 -29.86 -18.64
CA ARG B 307 8.71 -28.68 -19.46
C ARG B 307 8.06 -27.52 -18.66
N VAL B 308 7.24 -27.86 -17.63
CA VAL B 308 6.46 -26.93 -16.81
C VAL B 308 6.84 -27.01 -15.33
N GLN B 309 6.85 -25.84 -14.65
CA GLN B 309 7.12 -25.69 -13.22
C GLN B 309 5.81 -25.91 -12.46
N LEU B 310 5.78 -26.91 -11.60
CA LEU B 310 4.61 -27.29 -10.81
C LEU B 310 4.86 -26.93 -9.37
N VAL B 311 4.13 -25.91 -8.90
CA VAL B 311 4.28 -25.29 -7.58
C VAL B 311 3.27 -25.82 -6.52
N GLY B 312 3.81 -26.37 -5.45
CA GLY B 312 3.01 -26.85 -4.32
C GLY B 312 2.76 -25.75 -3.32
N ASP B 313 1.57 -25.10 -3.37
CA ASP B 313 1.16 -24.04 -2.43
C ASP B 313 0.37 -24.67 -1.30
N ASP B 314 -0.98 -24.79 -1.44
CA ASP B 314 -1.87 -25.40 -0.43
C ASP B 314 -1.52 -26.86 -0.20
N PHE B 315 -0.90 -27.49 -1.21
CA PHE B 315 -0.42 -28.86 -1.20
C PHE B 315 0.70 -29.06 -0.17
N LEU B 316 1.55 -28.03 0.05
CA LEU B 316 2.68 -28.16 0.95
C LEU B 316 2.60 -27.28 2.19
N VAL B 317 1.90 -26.13 2.11
CA VAL B 317 1.65 -25.16 3.20
C VAL B 317 2.98 -24.75 3.97
N THR B 318 4.11 -24.61 3.23
CA THR B 318 5.47 -24.25 3.69
C THR B 318 5.90 -25.20 4.87
N ASN B 319 5.45 -26.47 4.84
CA ASN B 319 5.78 -27.48 5.86
C ASN B 319 6.93 -28.36 5.35
N VAL B 320 7.99 -28.52 6.19
CA VAL B 320 9.20 -29.30 5.87
C VAL B 320 8.90 -30.82 5.79
N GLN B 321 8.18 -31.38 6.80
CA GLN B 321 7.81 -32.80 6.89
C GLN B 321 7.17 -33.33 5.59
N ARG B 322 6.22 -32.56 4.99
CA ARG B 322 5.56 -32.97 3.74
C ARG B 322 6.32 -32.50 2.49
N LEU B 323 7.29 -31.56 2.64
CA LEU B 323 8.15 -31.13 1.53
C LEU B 323 9.10 -32.30 1.22
N GLN B 324 9.65 -32.94 2.28
CA GLN B 324 10.51 -34.14 2.24
C GLN B 324 9.79 -35.28 1.50
N ARG B 325 8.49 -35.48 1.82
CA ARG B 325 7.61 -36.48 1.23
C ARG B 325 7.44 -36.23 -0.27
N ALA B 326 7.02 -35.00 -0.67
CA ALA B 326 6.81 -34.62 -2.08
C ALA B 326 8.09 -34.66 -2.90
N ILE B 327 9.27 -34.51 -2.25
CA ILE B 327 10.58 -34.60 -2.91
C ILE B 327 10.83 -36.06 -3.33
N GLU B 328 10.64 -37.01 -2.38
CA GLU B 328 10.81 -38.46 -2.58
C GLU B 328 9.74 -39.00 -3.54
N ALA B 329 8.47 -38.60 -3.34
CA ALA B 329 7.33 -39.01 -4.15
C ALA B 329 7.34 -38.40 -5.56
N LYS B 330 8.19 -37.37 -5.79
CA LYS B 330 8.31 -36.62 -7.05
C LYS B 330 6.92 -36.08 -7.45
N ALA B 331 6.27 -35.39 -6.48
CA ALA B 331 4.93 -34.82 -6.62
C ALA B 331 4.93 -33.43 -7.26
N ALA B 332 6.07 -32.71 -7.20
CA ALA B 332 6.23 -31.36 -7.78
C ALA B 332 7.70 -31.12 -8.07
N ASN B 333 8.04 -29.89 -8.55
CA ASN B 333 9.41 -29.43 -8.80
C ASN B 333 9.60 -27.97 -8.31
N SER B 334 8.65 -27.49 -7.47
CA SER B 334 8.63 -26.14 -6.92
C SER B 334 7.71 -26.04 -5.72
N ILE B 335 8.07 -25.16 -4.77
CA ILE B 335 7.28 -24.91 -3.57
C ILE B 335 7.11 -23.41 -3.37
N LEU B 336 5.93 -23.01 -2.92
CA LEU B 336 5.61 -21.62 -2.63
C LEU B 336 5.90 -21.45 -1.14
N ILE B 337 6.78 -20.51 -0.79
CA ILE B 337 7.20 -20.25 0.58
C ILE B 337 6.42 -19.04 1.19
N LYS B 338 5.83 -19.25 2.37
CA LYS B 338 5.10 -18.20 3.08
C LYS B 338 5.64 -18.11 4.50
N LEU B 339 6.30 -16.98 4.82
CA LEU B 339 6.94 -16.76 6.11
C LEU B 339 6.01 -17.06 7.28
N ASN B 340 4.80 -16.48 7.28
CA ASN B 340 3.77 -16.65 8.33
C ASN B 340 3.35 -18.12 8.50
N GLN B 341 3.37 -18.89 7.39
CA GLN B 341 3.00 -20.30 7.34
C GLN B 341 3.95 -21.20 8.14
N ILE B 342 5.24 -20.86 8.22
CA ILE B 342 6.20 -21.65 8.99
C ILE B 342 6.51 -21.03 10.40
N GLY B 343 6.53 -19.69 10.51
CA GLY B 343 6.65 -19.03 11.79
C GLY B 343 7.96 -18.42 12.24
N SER B 344 9.08 -18.73 11.58
CA SER B 344 10.38 -18.14 11.93
C SER B 344 11.29 -18.01 10.70
N LEU B 345 12.36 -17.22 10.84
CA LEU B 345 13.33 -17.01 9.78
C LEU B 345 14.15 -18.26 9.50
N THR B 346 14.74 -18.86 10.56
CA THR B 346 15.56 -20.06 10.46
C THR B 346 14.82 -21.20 9.76
N GLU B 347 13.53 -21.39 10.10
CA GLU B 347 12.70 -22.43 9.53
C GLU B 347 12.35 -22.19 8.05
N THR B 348 12.27 -20.91 7.63
CA THR B 348 11.97 -20.52 6.24
C THR B 348 13.16 -20.85 5.36
N LEU B 349 14.35 -20.37 5.77
CA LEU B 349 15.62 -20.61 5.11
C LEU B 349 15.88 -22.11 4.98
N SER B 350 15.61 -22.88 6.07
CA SER B 350 15.70 -24.33 6.11
C SER B 350 14.85 -24.98 4.96
N ALA B 351 13.57 -24.53 4.79
CA ALA B 351 12.67 -25.03 3.75
C ALA B 351 13.10 -24.58 2.37
N ILE B 352 13.62 -23.35 2.26
CA ILE B 352 14.13 -22.80 0.99
C ILE B 352 15.33 -23.63 0.51
N GLN B 353 16.32 -23.84 1.40
CA GLN B 353 17.51 -24.63 1.09
C GLN B 353 17.18 -26.09 0.70
N LEU B 354 16.30 -26.78 1.48
CA LEU B 354 15.89 -28.18 1.23
C LEU B 354 15.33 -28.37 -0.17
N ALA B 355 14.46 -27.47 -0.61
CA ALA B 355 13.90 -27.54 -1.94
C ALA B 355 14.99 -27.25 -2.99
N GLN B 356 15.66 -26.07 -2.90
CA GLN B 356 16.73 -25.64 -3.81
C GLN B 356 17.79 -26.70 -4.02
N ARG B 357 18.27 -27.34 -2.93
CA ARG B 357 19.35 -28.34 -2.98
C ARG B 357 18.91 -29.70 -3.48
N SER B 358 17.61 -29.97 -3.51
CA SER B 358 17.05 -31.19 -4.09
C SER B 358 16.52 -30.93 -5.53
N GLY B 359 16.99 -29.84 -6.17
CA GLY B 359 16.63 -29.46 -7.53
C GLY B 359 15.32 -28.73 -7.75
N TRP B 360 14.58 -28.41 -6.67
CA TRP B 360 13.32 -27.67 -6.77
C TRP B 360 13.62 -26.16 -6.77
N THR B 361 12.58 -25.33 -7.03
CA THR B 361 12.71 -23.87 -6.97
C THR B 361 11.89 -23.38 -5.79
N ALA B 362 12.31 -22.26 -5.19
CA ALA B 362 11.62 -21.64 -4.07
C ALA B 362 10.98 -20.36 -4.58
N VAL B 363 9.63 -20.28 -4.52
CA VAL B 363 8.89 -19.11 -4.98
C VAL B 363 8.51 -18.38 -3.72
N VAL B 364 9.11 -17.22 -3.49
CA VAL B 364 8.82 -16.46 -2.27
C VAL B 364 7.54 -15.67 -2.48
N SER B 365 6.58 -15.85 -1.56
CA SER B 365 5.27 -15.25 -1.69
C SER B 365 4.81 -14.38 -0.55
N HIS B 366 3.99 -13.38 -0.92
CA HIS B 366 3.27 -12.46 -0.03
C HIS B 366 2.02 -13.19 0.54
N ARG B 367 1.36 -12.55 1.50
CA ARG B 367 0.11 -13.04 2.08
C ARG B 367 -1.01 -12.10 1.61
N SER B 368 -2.30 -12.54 1.69
CA SER B 368 -3.46 -11.75 1.25
C SER B 368 -3.63 -10.36 1.94
N GLY B 369 -3.43 -10.34 3.26
CA GLY B 369 -3.42 -9.11 4.02
C GLY B 369 -1.97 -8.81 4.30
N GLU B 370 -1.33 -8.00 3.45
CA GLU B 370 0.07 -7.65 3.61
C GLU B 370 0.26 -6.37 4.44
N SER B 371 1.44 -5.71 4.28
CA SER B 371 1.79 -4.49 4.99
C SER B 371 2.87 -3.72 4.24
N GLU B 372 3.36 -2.64 4.87
CA GLU B 372 4.47 -1.83 4.35
C GLU B 372 5.80 -2.59 4.54
N ASP B 373 5.79 -3.68 5.37
CA ASP B 373 6.93 -4.58 5.64
C ASP B 373 7.38 -5.16 4.32
N VAL B 374 8.70 -5.16 4.08
CA VAL B 374 9.32 -5.52 2.80
C VAL B 374 10.45 -6.59 2.91
N THR B 375 10.43 -7.38 4.00
CA THR B 375 11.38 -8.48 4.29
C THR B 375 11.52 -9.51 3.15
N ILE B 376 10.41 -9.89 2.49
CA ILE B 376 10.41 -10.91 1.44
C ILE B 376 11.28 -10.49 0.22
N ALA B 377 11.50 -9.18 0.02
CA ALA B 377 12.35 -8.69 -1.06
C ALA B 377 13.82 -8.98 -0.69
N ASP B 378 14.22 -8.73 0.56
CA ASP B 378 15.56 -9.05 1.02
C ASP B 378 15.77 -10.56 1.17
N LEU B 379 14.72 -11.30 1.59
CA LEU B 379 14.80 -12.76 1.71
C LEU B 379 14.96 -13.46 0.34
N VAL B 380 14.28 -12.97 -0.71
CA VAL B 380 14.34 -13.55 -2.05
C VAL B 380 15.73 -13.37 -2.73
N VAL B 381 16.47 -12.29 -2.41
CA VAL B 381 17.80 -12.02 -2.97
C VAL B 381 18.86 -12.76 -2.14
N ALA B 382 18.70 -12.72 -0.79
CA ALA B 382 19.59 -13.39 0.18
C ALA B 382 19.78 -14.86 -0.15
N THR B 383 18.68 -15.55 -0.53
CA THR B 383 18.65 -16.97 -0.91
C THR B 383 18.85 -17.17 -2.41
N ASN B 384 18.98 -16.08 -3.20
CA ASN B 384 19.13 -16.19 -4.66
C ASN B 384 18.02 -17.10 -5.29
N ALA B 385 16.78 -17.01 -4.75
CA ALA B 385 15.62 -17.85 -5.11
C ALA B 385 15.21 -17.81 -6.58
N GLY B 386 15.46 -16.68 -7.26
CA GLY B 386 15.18 -16.50 -8.67
C GLY B 386 13.75 -16.15 -9.04
N GLN B 387 12.79 -16.30 -8.09
CA GLN B 387 11.38 -16.01 -8.31
C GLN B 387 10.65 -15.42 -7.10
N ILE B 388 9.75 -14.48 -7.36
CA ILE B 388 8.89 -13.84 -6.36
C ILE B 388 7.46 -13.80 -6.88
N LYS B 389 6.49 -13.96 -5.97
CA LYS B 389 5.05 -13.86 -6.20
C LYS B 389 4.56 -12.83 -5.17
N THR B 390 4.58 -11.54 -5.55
CA THR B 390 4.18 -10.50 -4.59
C THR B 390 2.96 -9.66 -5.09
N GLY B 391 2.27 -10.16 -6.13
CA GLY B 391 1.05 -9.56 -6.68
C GLY B 391 1.18 -8.71 -7.93
N ALA B 392 0.22 -7.81 -8.13
CA ALA B 392 0.14 -6.91 -9.29
C ALA B 392 1.04 -5.68 -9.13
N PRO B 393 1.39 -4.93 -10.21
CA PRO B 393 2.12 -3.67 -10.01
C PRO B 393 1.13 -2.53 -9.70
N ALA B 394 0.31 -2.69 -8.61
CA ALA B 394 -0.74 -1.73 -8.21
C ALA B 394 -0.66 -1.27 -6.74
N ARG B 395 -1.25 -1.98 -5.75
CA ARG B 395 -1.27 -1.54 -4.32
C ARG B 395 0.12 -1.25 -3.70
N THR B 396 0.20 -0.36 -2.67
CA THR B 396 1.48 -0.09 -1.98
C THR B 396 1.94 -1.35 -1.21
N ASP B 397 1.00 -2.20 -0.73
CA ASP B 397 1.32 -3.49 -0.08
C ASP B 397 2.16 -4.34 -1.05
N ARG B 398 1.94 -4.20 -2.36
CA ARG B 398 2.70 -4.89 -3.40
C ARG B 398 3.83 -4.12 -4.06
N ILE B 399 3.65 -2.81 -4.26
CA ILE B 399 4.63 -1.90 -4.85
C ILE B 399 5.83 -1.67 -3.90
N ALA B 400 5.61 -1.69 -2.58
CA ALA B 400 6.69 -1.51 -1.61
C ALA B 400 7.79 -2.54 -1.86
N LYS B 401 7.37 -3.79 -2.16
CA LYS B 401 8.23 -4.93 -2.45
C LYS B 401 8.98 -4.77 -3.75
N TYR B 402 8.30 -4.27 -4.80
CA TYR B 402 8.94 -4.06 -6.10
C TYR B 402 9.95 -2.94 -5.99
N ASN B 403 9.57 -1.86 -5.26
CA ASN B 403 10.43 -0.71 -5.01
C ASN B 403 11.69 -1.12 -4.26
N GLN B 404 11.55 -2.01 -3.27
CA GLN B 404 12.70 -2.54 -2.54
C GLN B 404 13.65 -3.31 -3.44
N LEU B 405 13.10 -4.12 -4.37
CA LEU B 405 13.90 -4.89 -5.32
C LEU B 405 14.67 -3.97 -6.25
N LEU B 406 14.08 -2.82 -6.59
CA LEU B 406 14.75 -1.78 -7.38
C LEU B 406 15.96 -1.25 -6.59
N ARG B 407 15.78 -1.03 -5.27
CA ARG B 407 16.83 -0.51 -4.38
C ARG B 407 17.95 -1.52 -4.21
N ILE B 408 17.58 -2.80 -4.00
CA ILE B 408 18.53 -3.89 -3.84
C ILE B 408 19.41 -3.98 -5.10
N GLU B 409 18.79 -3.97 -6.28
CA GLU B 409 19.47 -4.06 -7.57
C GLU B 409 20.51 -2.96 -7.73
N GLU B 410 20.08 -1.71 -7.49
CA GLU B 410 20.88 -0.49 -7.57
C GLU B 410 22.06 -0.56 -6.62
N GLU B 411 21.84 -0.97 -5.35
CA GLU B 411 22.86 -1.12 -4.30
C GLU B 411 23.90 -2.14 -4.70
N LEU B 412 23.47 -3.21 -5.38
CA LEU B 412 24.37 -4.26 -5.85
C LEU B 412 25.31 -3.79 -6.95
N GLY B 413 24.86 -2.79 -7.73
CA GLY B 413 25.63 -2.28 -8.84
C GLY B 413 25.90 -3.35 -9.87
N SER B 414 27.17 -3.47 -10.27
CA SER B 414 27.65 -4.47 -11.24
C SER B 414 27.52 -5.90 -10.74
N ALA B 415 27.29 -6.08 -9.41
CA ALA B 415 27.14 -7.39 -8.80
C ALA B 415 25.80 -8.01 -9.12
N ALA B 416 24.78 -7.18 -9.34
CA ALA B 416 23.41 -7.64 -9.64
C ALA B 416 23.31 -8.51 -10.89
N ARG B 417 22.51 -9.56 -10.79
CA ARG B 417 22.20 -10.49 -11.86
C ARG B 417 20.72 -10.89 -11.78
N TYR B 418 19.93 -10.53 -12.82
CA TYR B 418 18.51 -10.86 -12.96
C TYR B 418 18.44 -12.33 -13.34
N ALA B 419 17.59 -13.10 -12.65
CA ALA B 419 17.45 -14.53 -12.88
C ALA B 419 17.15 -14.84 -14.37
N GLY B 420 16.09 -14.26 -14.90
CA GLY B 420 15.71 -14.47 -16.28
C GLY B 420 15.24 -15.88 -16.54
N ARG B 421 15.68 -16.46 -17.67
CA ARG B 421 15.35 -17.83 -18.09
C ARG B 421 15.98 -18.87 -17.12
N SER B 422 17.13 -18.49 -16.50
CA SER B 422 17.88 -19.28 -15.53
C SER B 422 17.12 -19.51 -14.18
N ALA B 423 16.02 -18.75 -13.95
CA ALA B 423 15.14 -18.85 -12.76
C ALA B 423 14.49 -20.23 -12.71
N PHE B 424 14.22 -20.78 -13.90
CA PHE B 424 13.56 -22.05 -14.16
C PHE B 424 14.51 -23.13 -14.51
N LYS B 425 14.15 -24.34 -14.08
CA LYS B 425 14.81 -25.61 -14.35
C LYS B 425 14.05 -26.26 -15.53
N VAL B 426 13.02 -25.53 -16.06
CA VAL B 426 12.06 -25.84 -17.14
C VAL B 426 11.27 -27.11 -16.78
MG MG C . -11.82 17.46 -4.43
C1 PEP D . -8.80 14.77 -3.64
O1 PEP D . -9.59 14.85 -4.60
O2' PEP D . -8.89 15.56 -2.67
C2 PEP D . -7.77 13.74 -3.62
C3 PEP D . -8.01 12.59 -3.03
O2 PEP D . -6.45 13.98 -4.21
P PEP D . -6.07 13.68 -5.76
O1P PEP D . -6.27 15.00 -6.46
O2P PEP D . -4.62 13.25 -5.72
O3P PEP D . -7.01 12.58 -6.18
MG MG E . -9.42 16.56 -6.84
MG MG F . -2.88 -20.32 -4.32
C1 PEP G . -1.55 -17.07 -2.80
O1 PEP G . -0.39 -16.60 -2.92
O2' PEP G . -1.83 -18.23 -3.18
C2 PEP G . -2.57 -16.23 -2.17
C3 PEP G . -3.73 -16.02 -2.78
O2 PEP G . -2.31 -15.61 -0.88
P PEP G . -2.97 -16.18 0.50
O1P PEP G . -2.14 -15.52 1.58
O2P PEP G . -2.79 -17.67 0.41
O3P PEP G . -4.41 -15.71 0.44
MG MG H . -4.38 -19.57 -1.23
#